data_7OBE
#
_entry.id   7OBE
#
_cell.length_a   51.580
_cell.length_b   103.010
_cell.length_c   95.060
_cell.angle_alpha   90.000
_cell.angle_beta   95.564
_cell.angle_gamma   90.000
#
_symmetry.space_group_name_H-M   'P 1 21 1'
#
loop_
_entity.id
_entity.type
_entity.pdbx_description
1 polymer 'Isoform 2 of Serine/threonine-protein phosphatase 5'
2 non-polymer 'MANGANESE (II) ION'
3 non-polymer 'CHLORIDE ION'
4 water water
#
_entity_poly.entity_id   1
_entity_poly.type   'polypeptide(L)'
_entity_poly.pdbx_seq_one_letter_code
;MGSSHHHHHHSSLVPRGSHMMETKNENSDVSRAEEFKSQANEAFKGHKYSSAIDLYTKAIELNSNNAVYWANRAFAHTKL
EEYGSAIQDASKAIEVDSRYSKGYYRRGAAYLAMGKFKDALKDFQQVKRLSPNDPDATRKLKECEKAVMKLKFEEAISVP
VSERRSVAESIDFHTIEVEPQYSGARIEGEEVTLDFVKTMMEDFKNQKTLHKRYAYQIVLQTRQILLALPSLVDISVPHG
KHITVCGDVHGQFYDLLNIFELNGLPSEENPYLFNGDFVDRGSFSVEIILTLFAFKCMCPSSIYLARGNHESKSMNKIYG
FEGEVRSKLSEKFVDLFAEVFCYLPLAHVINGKVFVVHGGLFSVDGVKLSDIRAIDRFCEPPEEGLMCELLWSDPQPLPG
RGPSKRGVGLSFGGDVTKRFLQDNNLDLLVRSHEVKDEGYEVEHDGKLITVFSAPNYCDQMGNKGAFIRFEAPDMKPNIV
TFSAVPHPDVKPMAYANNFLRMFN
;
_entity_poly.pdbx_strand_id   A,B
#
loop_
_chem_comp.id
_chem_comp.type
_chem_comp.name
_chem_comp.formula
CL non-polymer 'CHLORIDE ION' 'Cl -1'
MN non-polymer 'MANGANESE (II) ION' 'Mn 2'
#
# COMPACT_ATOMS: atom_id res chain seq x y z
N ASN A 25 -44.49 -31.89 19.74
CA ASN A 25 -44.54 -30.90 20.80
C ASN A 25 -45.28 -29.63 20.38
N GLU A 26 -46.58 -29.59 20.66
CA GLU A 26 -47.38 -28.39 20.44
C GLU A 26 -47.31 -27.51 21.70
N ASN A 27 -46.14 -26.91 21.89
CA ASN A 27 -45.85 -26.11 23.06
C ASN A 27 -45.69 -24.62 22.75
N SER A 28 -46.03 -24.20 21.53
CA SER A 28 -45.96 -22.79 21.19
C SER A 28 -47.23 -22.09 21.65
N ASP A 29 -47.07 -20.98 22.37
CA ASP A 29 -48.20 -20.21 22.89
C ASP A 29 -48.40 -18.99 22.00
N VAL A 30 -49.46 -19.04 21.18
CA VAL A 30 -49.71 -17.96 20.22
C VAL A 30 -50.12 -16.67 20.93
N SER A 31 -50.86 -16.80 22.04
CA SER A 31 -51.36 -15.63 22.75
C SER A 31 -50.21 -14.83 23.36
N ARG A 32 -49.31 -15.50 24.08
CA ARG A 32 -48.15 -14.82 24.63
C ARG A 32 -47.23 -14.30 23.54
N ALA A 33 -47.14 -15.03 22.42
CA ALA A 33 -46.31 -14.56 21.31
C ALA A 33 -46.90 -13.31 20.67
N GLU A 34 -48.23 -13.29 20.50
CA GLU A 34 -48.87 -12.10 19.96
C GLU A 34 -48.81 -10.94 20.96
N GLU A 35 -48.75 -11.25 22.26
CA GLU A 35 -48.50 -10.21 23.24
C GLU A 35 -47.15 -9.56 23.01
N PHE A 36 -46.12 -10.38 22.75
CA PHE A 36 -44.79 -9.84 22.48
C PHE A 36 -44.75 -9.06 21.18
N LYS A 37 -45.50 -9.50 20.17
CA LYS A 37 -45.52 -8.79 18.89
C LYS A 37 -46.08 -7.38 19.04
N SER A 38 -47.19 -7.23 19.78
CA SER A 38 -47.76 -5.92 19.98
C SER A 38 -46.82 -5.03 20.80
N GLN A 39 -46.17 -5.61 21.80
CA GLN A 39 -45.18 -4.85 22.57
C GLN A 39 -44.03 -4.40 21.68
N ALA A 40 -43.60 -5.26 20.76
CA ALA A 40 -42.53 -4.89 19.84
C ALA A 40 -43.00 -3.83 18.85
N ASN A 41 -44.24 -3.95 18.37
CA ASN A 41 -44.77 -2.92 17.47
C ASN A 41 -44.87 -1.58 18.19
N GLU A 42 -45.23 -1.61 19.48
CA GLU A 42 -45.26 -0.37 20.25
C GLU A 42 -43.87 0.24 20.39
N ALA A 43 -42.86 -0.60 20.67
CA ALA A 43 -41.49 -0.11 20.69
C ALA A 43 -41.04 0.34 19.31
N PHE A 44 -41.60 -0.27 18.25
CA PHE A 44 -41.28 0.16 16.90
C PHE A 44 -41.80 1.57 16.63
N LYS A 45 -43.05 1.83 17.02
CA LYS A 45 -43.62 3.16 16.84
C LYS A 45 -42.84 4.22 17.60
N GLY A 46 -42.21 3.84 18.71
CA GLY A 46 -41.40 4.74 19.50
C GLY A 46 -39.92 4.75 19.14
N HIS A 47 -39.55 4.17 18.01
CA HIS A 47 -38.17 4.12 17.52
C HIS A 47 -37.23 3.40 18.49
N LYS A 48 -37.77 2.54 19.35
CA LYS A 48 -36.96 1.68 20.22
C LYS A 48 -36.68 0.36 19.50
N TYR A 49 -35.80 0.43 18.51
CA TYR A 49 -35.62 -0.71 17.61
C TYR A 49 -34.92 -1.89 18.29
N SER A 50 -34.01 -1.63 19.23
CA SER A 50 -33.36 -2.73 19.92
C SER A 50 -34.34 -3.49 20.82
N SER A 51 -35.16 -2.74 21.59
CA SER A 51 -36.20 -3.38 22.38
C SER A 51 -37.20 -4.12 21.49
N ALA A 52 -37.51 -3.55 20.32
CA ALA A 52 -38.41 -4.22 19.40
C ALA A 52 -37.82 -5.53 18.90
N ILE A 53 -36.52 -5.53 18.59
CA ILE A 53 -35.87 -6.77 18.17
C ILE A 53 -35.92 -7.80 19.29
N ASP A 54 -35.69 -7.37 20.52
CA ASP A 54 -35.74 -8.31 21.65
C ASP A 54 -37.14 -8.89 21.82
N LEU A 55 -38.17 -8.04 21.70
CA LEU A 55 -39.53 -8.51 21.86
C LEU A 55 -39.97 -9.40 20.70
N TYR A 56 -39.49 -9.12 19.48
CA TYR A 56 -39.77 -10.01 18.36
C TYR A 56 -39.07 -11.34 18.54
N THR A 57 -37.87 -11.32 19.11
CA THR A 57 -37.17 -12.57 19.42
C THR A 57 -37.96 -13.41 20.41
N LYS A 58 -38.50 -12.76 21.45
CA LYS A 58 -39.35 -13.50 22.38
C LYS A 58 -40.61 -14.01 21.71
N ALA A 59 -41.18 -13.22 20.79
CA ALA A 59 -42.35 -13.66 20.03
C ALA A 59 -42.01 -14.84 19.14
N ILE A 60 -40.85 -14.79 18.47
CA ILE A 60 -40.41 -15.87 17.60
C ILE A 60 -40.15 -17.13 18.42
N GLU A 61 -39.56 -16.97 19.61
CA GLU A 61 -39.28 -18.13 20.46
C GLU A 61 -40.55 -18.89 20.78
N LEU A 62 -41.64 -18.17 21.03
CA LEU A 62 -42.91 -18.79 21.40
C LEU A 62 -43.78 -19.14 20.20
N ASN A 63 -43.33 -18.81 18.99
CA ASN A 63 -44.03 -19.19 17.76
C ASN A 63 -43.15 -18.87 16.56
N SER A 64 -42.60 -19.90 15.93
CA SER A 64 -41.64 -19.71 14.85
C SER A 64 -42.23 -19.99 13.48
N ASN A 65 -43.53 -20.29 13.39
CA ASN A 65 -44.20 -20.52 12.12
C ASN A 65 -45.03 -19.32 11.69
N ASN A 66 -44.77 -18.15 12.26
CA ASN A 66 -45.44 -16.91 11.89
C ASN A 66 -44.41 -16.05 11.15
N ALA A 67 -44.52 -16.00 9.82
CA ALA A 67 -43.57 -15.26 9.01
C ALA A 67 -43.65 -13.75 9.26
N VAL A 68 -44.78 -13.26 9.78
CA VAL A 68 -44.89 -11.84 10.09
C VAL A 68 -43.89 -11.46 11.18
N TYR A 69 -43.66 -12.36 12.14
CA TYR A 69 -42.70 -12.07 13.20
C TYR A 69 -41.29 -11.91 12.63
N TRP A 70 -40.89 -12.83 11.77
CA TRP A 70 -39.57 -12.76 11.14
C TRP A 70 -39.45 -11.50 10.30
N ALA A 71 -40.47 -11.19 9.50
CA ALA A 71 -40.42 -10.00 8.66
C ALA A 71 -40.33 -8.73 9.50
N ASN A 72 -41.04 -8.69 10.63
CA ASN A 72 -41.00 -7.52 11.49
C ASN A 72 -39.64 -7.37 12.15
N ARG A 73 -39.07 -8.46 12.67
CA ARG A 73 -37.74 -8.35 13.26
C ARG A 73 -36.70 -7.98 12.22
N ALA A 74 -36.88 -8.43 10.97
CA ALA A 74 -36.01 -7.99 9.89
C ALA A 74 -36.14 -6.49 9.67
N PHE A 75 -37.38 -6.00 9.63
CA PHE A 75 -37.62 -4.57 9.45
C PHE A 75 -36.94 -3.76 10.55
N ALA A 76 -37.07 -4.21 11.80
CA ALA A 76 -36.38 -3.53 12.89
C ALA A 76 -34.87 -3.60 12.73
N HIS A 77 -34.35 -4.68 12.14
CA HIS A 77 -32.91 -4.79 11.95
C HIS A 77 -32.41 -3.75 10.95
N THR A 78 -33.12 -3.58 9.82
CA THR A 78 -32.73 -2.56 8.84
C THR A 78 -32.76 -1.17 9.44
N LYS A 79 -33.71 -0.93 10.35
CA LYS A 79 -33.81 0.38 10.99
C LYS A 79 -32.55 0.70 11.79
N LEU A 80 -31.91 -0.32 12.36
CA LEU A 80 -30.64 -0.16 13.04
C LEU A 80 -29.45 -0.36 12.12
N GLU A 81 -29.68 -0.42 10.81
CA GLU A 81 -28.65 -0.65 9.79
C GLU A 81 -27.97 -2.01 9.95
N GLU A 82 -28.64 -2.97 10.60
CA GLU A 82 -28.12 -4.33 10.75
C GLU A 82 -28.65 -5.20 9.61
N TYR A 83 -28.09 -4.94 8.43
CA TYR A 83 -28.65 -5.48 7.19
C TYR A 83 -28.39 -6.97 7.05
N GLY A 84 -27.30 -7.49 7.61
CA GLY A 84 -27.08 -8.93 7.57
C GLY A 84 -28.13 -9.69 8.37
N SER A 85 -28.36 -9.25 9.62
CA SER A 85 -29.43 -9.83 10.42
C SER A 85 -30.77 -9.65 9.74
N ALA A 86 -30.97 -8.53 9.06
CA ALA A 86 -32.22 -8.29 8.35
C ALA A 86 -32.42 -9.32 7.24
N ILE A 87 -31.37 -9.54 6.44
CA ILE A 87 -31.46 -10.49 5.33
C ILE A 87 -31.71 -11.89 5.86
N GLN A 88 -31.05 -12.26 6.97
CA GLN A 88 -31.24 -13.59 7.53
C GLN A 88 -32.65 -13.78 8.08
N ASP A 89 -33.18 -12.77 8.79
CA ASP A 89 -34.55 -12.86 9.30
C ASP A 89 -35.56 -12.92 8.17
N ALA A 90 -35.38 -12.10 7.13
CA ALA A 90 -36.31 -12.15 6.00
C ALA A 90 -36.20 -13.47 5.24
N SER A 91 -35.02 -14.07 5.22
CA SER A 91 -34.85 -15.38 4.60
C SER A 91 -35.62 -16.45 5.37
N LYS A 92 -35.56 -16.40 6.70
CA LYS A 92 -36.38 -17.32 7.48
C LYS A 92 -37.87 -17.03 7.32
N ALA A 93 -38.25 -15.76 7.14
CA ALA A 93 -39.63 -15.44 6.84
C ALA A 93 -40.08 -16.09 5.52
N ILE A 94 -39.23 -16.02 4.50
CA ILE A 94 -39.56 -16.64 3.22
C ILE A 94 -39.63 -18.16 3.37
N GLU A 95 -38.76 -18.73 4.19
CA GLU A 95 -38.80 -20.17 4.44
C GLU A 95 -40.13 -20.60 5.03
N VAL A 96 -40.70 -19.78 5.92
CA VAL A 96 -41.96 -20.13 6.57
C VAL A 96 -43.10 -20.12 5.56
N ASP A 97 -43.21 -19.04 4.77
CA ASP A 97 -44.29 -18.90 3.80
C ASP A 97 -43.69 -18.48 2.46
N SER A 98 -43.77 -19.38 1.47
CA SER A 98 -43.23 -19.08 0.15
C SER A 98 -43.97 -17.94 -0.53
N ARG A 99 -45.27 -17.79 -0.25
CA ARG A 99 -46.10 -16.78 -0.89
C ARG A 99 -46.31 -15.56 0.00
N TYR A 100 -45.43 -15.34 0.98
CA TYR A 100 -45.49 -14.14 1.82
C TYR A 100 -44.62 -13.07 1.16
N SER A 101 -45.23 -12.17 0.39
CA SER A 101 -44.46 -11.21 -0.40
C SER A 101 -43.66 -10.25 0.47
N LYS A 102 -44.12 -9.99 1.70
CA LYS A 102 -43.42 -9.06 2.57
C LYS A 102 -42.05 -9.58 2.97
N GLY A 103 -41.86 -10.90 2.98
CA GLY A 103 -40.52 -11.42 3.26
C GLY A 103 -39.52 -11.03 2.20
N TYR A 104 -39.86 -11.29 0.93
CA TYR A 104 -39.01 -10.85 -0.17
C TYR A 104 -38.85 -9.33 -0.18
N TYR A 105 -39.93 -8.60 0.14
CA TYR A 105 -39.87 -7.15 0.18
C TYR A 105 -38.85 -6.67 1.22
N ARG A 106 -38.89 -7.26 2.41
CA ARG A 106 -37.97 -6.87 3.47
C ARG A 106 -36.53 -7.22 3.12
N ARG A 107 -36.31 -8.41 2.55
CA ARG A 107 -34.95 -8.79 2.18
C ARG A 107 -34.41 -7.87 1.09
N GLY A 108 -35.23 -7.55 0.08
CA GLY A 108 -34.79 -6.65 -0.97
C GLY A 108 -34.56 -5.23 -0.48
N ALA A 109 -35.37 -4.79 0.48
CA ALA A 109 -35.13 -3.49 1.10
C ALA A 109 -33.80 -3.47 1.85
N ALA A 110 -33.49 -4.57 2.55
CA ALA A 110 -32.19 -4.65 3.22
C ALA A 110 -31.05 -4.69 2.20
N TYR A 111 -31.20 -5.48 1.13
CA TYR A 111 -30.19 -5.50 0.08
C TYR A 111 -30.01 -4.13 -0.54
N LEU A 112 -31.13 -3.51 -0.95
CA LEU A 112 -31.10 -2.17 -1.51
C LEU A 112 -30.43 -1.18 -0.56
N ALA A 113 -30.66 -1.34 0.74
CA ALA A 113 -30.12 -0.40 1.71
C ALA A 113 -28.59 -0.48 1.77
N MET A 114 -28.02 -1.65 1.49
CA MET A 114 -26.56 -1.81 1.52
C MET A 114 -25.94 -1.86 0.12
N GLY A 115 -26.67 -1.41 -0.89
CA GLY A 115 -26.13 -1.23 -2.23
C GLY A 115 -26.16 -2.45 -3.13
N LYS A 116 -26.73 -3.56 -2.70
CA LYS A 116 -26.76 -4.79 -3.52
C LYS A 116 -28.01 -4.76 -4.40
N PHE A 117 -27.91 -3.96 -5.47
CA PHE A 117 -29.06 -3.70 -6.34
C PHE A 117 -29.50 -4.96 -7.09
N LYS A 118 -28.57 -5.84 -7.42
CA LYS A 118 -28.94 -7.05 -8.16
C LYS A 118 -29.72 -8.03 -7.30
N ASP A 119 -29.29 -8.21 -6.04
CA ASP A 119 -30.05 -9.02 -5.11
C ASP A 119 -31.41 -8.40 -4.83
N ALA A 120 -31.45 -7.07 -4.68
CA ALA A 120 -32.74 -6.39 -4.53
C ALA A 120 -33.63 -6.65 -5.74
N LEU A 121 -33.05 -6.64 -6.95
CA LEU A 121 -33.81 -6.94 -8.15
C LEU A 121 -34.41 -8.34 -8.08
N LYS A 122 -33.62 -9.31 -7.61
CA LYS A 122 -34.15 -10.66 -7.44
C LYS A 122 -35.37 -10.67 -6.53
N ASP A 123 -35.24 -10.07 -5.35
CA ASP A 123 -36.35 -10.13 -4.39
C ASP A 123 -37.56 -9.34 -4.86
N PHE A 124 -37.35 -8.21 -5.55
CA PHE A 124 -38.49 -7.46 -6.05
C PHE A 124 -39.12 -8.08 -7.29
N GLN A 125 -38.35 -8.86 -8.05
CA GLN A 125 -38.94 -9.74 -9.04
C GLN A 125 -39.92 -10.69 -8.39
N GLN A 126 -39.49 -11.34 -7.30
CA GLN A 126 -40.40 -12.23 -6.58
C GLN A 126 -41.61 -11.48 -6.02
N VAL A 127 -41.42 -10.25 -5.54
CA VAL A 127 -42.54 -9.49 -4.97
C VAL A 127 -43.61 -9.23 -6.02
N LYS A 128 -43.21 -8.91 -7.25
CA LYS A 128 -44.18 -8.70 -8.32
C LYS A 128 -44.88 -10.00 -8.69
N ARG A 129 -44.12 -11.09 -8.79
CA ARG A 129 -44.70 -12.36 -9.22
C ARG A 129 -45.83 -12.80 -8.30
N LEU A 130 -45.76 -12.43 -7.02
CA LEU A 130 -46.79 -12.81 -6.06
C LEU A 130 -48.04 -11.95 -6.24
N SER A 131 -47.92 -10.65 -5.99
CA SER A 131 -49.01 -9.72 -6.29
C SER A 131 -48.83 -9.19 -7.71
N PRO A 132 -49.50 -9.78 -8.70
CA PRO A 132 -49.11 -9.53 -10.10
C PRO A 132 -49.66 -8.26 -10.71
N ASN A 133 -50.75 -7.70 -10.17
CA ASN A 133 -51.31 -6.47 -10.70
C ASN A 133 -51.18 -5.29 -9.74
N ASP A 134 -50.44 -5.46 -8.65
CA ASP A 134 -50.25 -4.37 -7.69
C ASP A 134 -49.37 -3.31 -8.32
N PRO A 135 -49.83 -2.05 -8.40
CA PRO A 135 -49.00 -1.02 -9.06
C PRO A 135 -47.62 -0.84 -8.45
N ASP A 136 -47.52 -0.84 -7.12
CA ASP A 136 -46.25 -0.58 -6.46
C ASP A 136 -45.23 -1.70 -6.68
N ALA A 137 -45.68 -2.95 -6.79
CA ALA A 137 -44.74 -4.03 -7.08
C ALA A 137 -44.04 -3.81 -8.42
N THR A 138 -44.83 -3.60 -9.47
CA THR A 138 -44.26 -3.31 -10.79
C THR A 138 -43.43 -2.04 -10.77
N ARG A 139 -43.85 -1.06 -9.97
CA ARG A 139 -43.11 0.19 -9.89
C ARG A 139 -41.72 -0.03 -9.31
N LYS A 140 -41.62 -0.74 -8.18
CA LYS A 140 -40.33 -1.00 -7.56
C LYS A 140 -39.47 -1.91 -8.44
N LEU A 141 -40.09 -2.82 -9.19
CA LEU A 141 -39.32 -3.64 -10.12
C LEU A 141 -38.72 -2.79 -11.23
N LYS A 142 -39.53 -1.94 -11.87
CA LYS A 142 -39.00 -1.03 -12.89
C LYS A 142 -37.95 -0.09 -12.32
N GLU A 143 -38.10 0.29 -11.05
CA GLU A 143 -37.08 1.10 -10.37
C GLU A 143 -35.77 0.34 -10.25
N CYS A 144 -35.83 -0.92 -9.81
CA CYS A 144 -34.61 -1.68 -9.62
C CYS A 144 -33.95 -2.06 -10.95
N GLU A 145 -34.75 -2.25 -12.01
CA GLU A 145 -34.16 -2.51 -13.33
C GLU A 145 -33.35 -1.32 -13.82
N LYS A 146 -33.88 -0.11 -13.68
CA LYS A 146 -33.12 1.09 -14.00
C LYS A 146 -31.83 1.17 -13.20
N ALA A 147 -31.90 0.79 -11.92
CA ALA A 147 -30.74 0.95 -11.03
C ALA A 147 -29.63 -0.04 -11.36
N VAL A 148 -29.98 -1.27 -11.77
CA VAL A 148 -28.95 -2.28 -11.96
C VAL A 148 -28.15 -2.03 -13.23
N MET A 149 -28.81 -1.57 -14.30
CA MET A 149 -28.07 -1.25 -15.52
C MET A 149 -27.26 0.03 -15.36
N LYS A 150 -27.83 1.03 -14.68
CA LYS A 150 -27.06 2.20 -14.28
C LYS A 150 -25.80 1.77 -13.54
N LEU A 151 -25.96 0.84 -12.60
CA LEU A 151 -24.83 0.30 -11.88
C LEU A 151 -23.91 -0.51 -12.80
N LYS A 152 -24.46 -1.11 -13.86
CA LYS A 152 -23.63 -1.81 -14.83
C LYS A 152 -22.64 -0.84 -15.50
N PHE A 153 -23.13 0.32 -15.93
CA PHE A 153 -22.23 1.34 -16.49
C PHE A 153 -21.22 1.81 -15.44
N GLU A 154 -21.72 2.14 -14.24
CA GLU A 154 -20.85 2.63 -13.17
C GLU A 154 -19.74 1.64 -12.86
N GLU A 155 -20.07 0.35 -12.83
CA GLU A 155 -19.11 -0.69 -12.51
C GLU A 155 -18.17 -0.97 -13.67
N ALA A 156 -18.64 -0.83 -14.91
CA ALA A 156 -17.78 -1.00 -16.07
C ALA A 156 -16.70 0.07 -16.15
N ILE A 157 -16.99 1.30 -15.72
CA ILE A 157 -15.97 2.35 -15.80
C ILE A 157 -15.18 2.48 -14.50
N SER A 158 -15.39 1.58 -13.55
CA SER A 158 -14.67 1.62 -12.27
C SER A 158 -13.18 1.35 -12.46
N VAL A 159 -12.35 2.24 -11.96
CA VAL A 159 -10.89 2.07 -11.96
C VAL A 159 -10.34 2.40 -10.58
N PRO A 160 -9.42 1.60 -10.03
CA PRO A 160 -8.81 1.93 -8.73
C PRO A 160 -8.21 3.33 -8.71
N VAL A 161 -8.42 4.03 -7.60
CA VAL A 161 -8.00 5.42 -7.51
C VAL A 161 -6.49 5.56 -7.59
N SER A 162 -5.75 4.52 -7.20
CA SER A 162 -4.30 4.60 -7.23
C SER A 162 -3.72 4.49 -8.64
N GLU A 163 -4.52 4.04 -9.60
CA GLU A 163 -4.10 3.95 -11.00
C GLU A 163 -4.53 5.17 -11.80
N ARG A 164 -5.10 6.19 -11.15
CA ARG A 164 -5.67 7.36 -11.81
C ARG A 164 -4.87 8.61 -11.45
N ARG A 165 -4.87 9.56 -12.39
CA ARG A 165 -4.33 10.88 -12.09
C ARG A 165 -5.15 11.55 -11.00
N SER A 166 -4.45 12.20 -10.07
CA SER A 166 -5.14 12.96 -9.04
C SER A 166 -5.83 14.16 -9.67
N VAL A 167 -6.94 14.59 -9.06
CA VAL A 167 -7.61 15.79 -9.55
C VAL A 167 -6.70 17.00 -9.39
N ALA A 168 -5.86 17.01 -8.36
CA ALA A 168 -4.92 18.11 -8.17
C ALA A 168 -4.01 18.30 -9.36
N GLU A 169 -3.78 17.24 -10.14
CA GLU A 169 -2.89 17.33 -11.30
C GLU A 169 -3.44 18.25 -12.37
N SER A 170 -4.77 18.40 -12.44
CA SER A 170 -5.41 19.16 -13.50
C SER A 170 -6.14 20.41 -12.99
N ILE A 171 -6.00 20.74 -11.72
CA ILE A 171 -6.66 21.91 -11.14
C ILE A 171 -5.69 22.62 -10.21
N ASP A 172 -5.29 23.83 -10.57
CA ASP A 172 -4.55 24.73 -9.69
C ASP A 172 -5.51 25.78 -9.16
N PHE A 173 -5.61 25.88 -7.83
CA PHE A 173 -6.63 26.74 -7.25
C PHE A 173 -6.34 28.23 -7.47
N HIS A 174 -5.08 28.60 -7.74
CA HIS A 174 -4.78 30.00 -8.05
C HIS A 174 -5.37 30.43 -9.39
N THR A 175 -5.72 29.48 -10.26
CA THR A 175 -6.25 29.80 -11.58
C THR A 175 -7.73 30.15 -11.55
N ILE A 176 -8.44 29.81 -10.48
CA ILE A 176 -9.87 30.01 -10.41
C ILE A 176 -10.16 31.47 -10.10
N GLU A 177 -10.87 32.14 -11.00
CA GLU A 177 -11.27 33.53 -10.79
C GLU A 177 -12.44 33.61 -9.84
N VAL A 178 -12.41 34.59 -8.94
CA VAL A 178 -13.50 34.84 -8.01
C VAL A 178 -14.18 36.11 -8.45
N GLU A 179 -15.43 36.00 -8.88
CA GLU A 179 -16.17 37.17 -9.35
C GLU A 179 -16.39 38.15 -8.20
N PRO A 180 -16.31 39.46 -8.45
CA PRO A 180 -16.42 40.43 -7.35
C PRO A 180 -17.75 40.38 -6.61
N GLN A 181 -18.80 39.82 -7.19
CA GLN A 181 -20.09 39.75 -6.54
C GLN A 181 -20.19 38.61 -5.52
N TYR A 182 -19.12 37.85 -5.33
CA TYR A 182 -19.12 36.78 -4.34
C TYR A 182 -19.04 37.38 -2.94
N SER A 183 -20.04 37.10 -2.11
CA SER A 183 -20.17 37.70 -0.79
C SER A 183 -19.61 36.83 0.33
N GLY A 184 -19.34 35.56 0.06
CA GLY A 184 -18.92 34.63 1.09
C GLY A 184 -17.49 34.88 1.57
N ALA A 185 -17.00 33.90 2.33
CA ALA A 185 -15.66 34.01 2.91
C ALA A 185 -14.58 33.83 1.86
N ARG A 186 -13.46 34.51 2.09
CA ARG A 186 -12.34 34.51 1.16
C ARG A 186 -11.05 34.13 1.89
N ILE A 187 -10.26 33.26 1.28
CA ILE A 187 -8.92 32.94 1.78
C ILE A 187 -7.94 33.84 1.03
N GLU A 188 -7.44 34.87 1.71
CA GLU A 188 -6.37 35.70 1.17
C GLU A 188 -5.02 35.02 1.44
N GLY A 189 -4.24 34.86 0.38
CA GLY A 189 -2.95 34.20 0.52
C GLY A 189 -3.06 32.69 0.53
N GLU A 190 -1.96 32.06 0.95
CA GLU A 190 -1.87 30.61 0.96
C GLU A 190 -2.36 30.00 2.27
N GLU A 191 -2.42 30.77 3.35
CA GLU A 191 -2.67 30.23 4.68
C GLU A 191 -4.16 30.29 5.01
N VAL A 192 -4.68 29.18 5.53
CA VAL A 192 -6.04 29.14 6.07
C VAL A 192 -5.99 29.66 7.49
N THR A 193 -6.74 30.73 7.77
CA THR A 193 -6.68 31.41 9.05
C THR A 193 -7.97 31.19 9.83
N LEU A 194 -7.87 31.36 11.15
CA LEU A 194 -9.02 31.18 12.03
C LEU A 194 -10.15 32.16 11.70
N ASP A 195 -9.80 33.37 11.27
CA ASP A 195 -10.81 34.35 10.85
C ASP A 195 -11.63 33.82 9.68
N PHE A 196 -10.98 33.21 8.70
CA PHE A 196 -11.72 32.65 7.57
C PHE A 196 -12.59 31.49 8.00
N VAL A 197 -12.08 30.62 8.88
CA VAL A 197 -12.85 29.46 9.32
C VAL A 197 -14.10 29.90 10.06
N LYS A 198 -14.00 30.94 10.89
CA LYS A 198 -15.18 31.46 11.57
C LYS A 198 -16.18 32.04 10.59
N THR A 199 -15.70 32.79 9.60
CA THR A 199 -16.59 33.35 8.59
C THR A 199 -17.22 32.25 7.75
N MET A 200 -16.44 31.22 7.41
CA MET A 200 -16.97 30.11 6.63
C MET A 200 -18.04 29.36 7.40
N MET A 201 -17.81 29.11 8.69
CA MET A 201 -18.78 28.40 9.51
C MET A 201 -20.07 29.21 9.67
N GLU A 202 -19.95 30.53 9.85
CA GLU A 202 -21.14 31.37 9.96
C GLU A 202 -21.90 31.43 8.65
N ASP A 203 -21.19 31.45 7.52
CA ASP A 203 -21.86 31.42 6.23
C ASP A 203 -22.53 30.07 6.01
N PHE A 204 -21.85 28.98 6.36
CA PHE A 204 -22.48 27.66 6.29
C PHE A 204 -23.68 27.59 7.22
N LYS A 205 -23.58 28.21 8.40
CA LYS A 205 -24.69 28.18 9.35
C LYS A 205 -25.94 28.82 8.75
N ASN A 206 -25.77 29.88 7.98
CA ASN A 206 -26.87 30.58 7.34
C ASN A 206 -27.18 30.03 5.95
N GLN A 207 -26.75 28.81 5.66
CA GLN A 207 -27.01 28.12 4.39
C GLN A 207 -26.42 28.86 3.20
N LYS A 208 -25.36 29.63 3.42
CA LYS A 208 -24.62 30.23 2.32
C LYS A 208 -23.62 29.21 1.76
N THR A 209 -22.90 29.62 0.72
CA THR A 209 -21.98 28.72 0.03
C THR A 209 -20.57 29.29 0.01
N LEU A 210 -19.60 28.38 -0.14
CA LEU A 210 -18.20 28.74 -0.30
C LEU A 210 -17.80 28.66 -1.76
N HIS A 211 -16.93 29.57 -2.19
CA HIS A 211 -16.52 29.60 -3.58
C HIS A 211 -15.67 28.38 -3.93
N LYS A 212 -15.69 28.03 -5.22
CA LYS A 212 -14.96 26.85 -5.66
C LYS A 212 -13.47 27.02 -5.50
N ARG A 213 -12.95 28.25 -5.65
CA ARG A 213 -11.53 28.49 -5.43
C ARG A 213 -11.12 28.09 -4.02
N TYR A 214 -11.87 28.55 -3.02
CA TYR A 214 -11.50 28.30 -1.64
C TYR A 214 -11.80 26.87 -1.22
N ALA A 215 -12.86 26.26 -1.78
CA ALA A 215 -13.07 24.84 -1.55
C ALA A 215 -11.90 24.03 -2.08
N TYR A 216 -11.43 24.34 -3.28
CA TYR A 216 -10.28 23.63 -3.84
C TYR A 216 -9.03 23.86 -3.01
N GLN A 217 -8.78 25.11 -2.62
CA GLN A 217 -7.68 25.41 -1.71
C GLN A 217 -7.72 24.51 -0.48
N ILE A 218 -8.88 24.42 0.18
CA ILE A 218 -8.98 23.63 1.40
C ILE A 218 -8.74 22.15 1.11
N VAL A 219 -9.42 21.61 0.11
CA VAL A 219 -9.33 20.17 -0.13
C VAL A 219 -7.94 19.78 -0.63
N LEU A 220 -7.34 20.60 -1.49
CA LEU A 220 -6.02 20.25 -2.02
C LEU A 220 -4.95 20.37 -0.95
N GLN A 221 -5.05 21.38 -0.09
CA GLN A 221 -4.14 21.46 1.06
C GLN A 221 -4.35 20.28 2.00
N THR A 222 -5.61 19.87 2.20
CA THR A 222 -5.86 18.71 3.04
C THR A 222 -5.24 17.46 2.43
N ARG A 223 -5.32 17.32 1.10
CA ARG A 223 -4.68 16.19 0.42
C ARG A 223 -3.19 16.13 0.74
N GLN A 224 -2.52 17.29 0.75
CA GLN A 224 -1.11 17.33 1.10
C GLN A 224 -0.87 16.80 2.52
N ILE A 225 -1.65 17.30 3.48
CA ILE A 225 -1.44 16.95 4.88
C ILE A 225 -1.64 15.45 5.10
N LEU A 226 -2.73 14.90 4.55
CA LEU A 226 -3.10 13.53 4.88
C LEU A 226 -2.15 12.51 4.25
N LEU A 227 -1.71 12.76 3.01
CA LEU A 227 -0.90 11.77 2.30
C LEU A 227 0.45 11.52 2.97
N ALA A 228 0.92 12.45 3.79
CA ALA A 228 2.20 12.31 4.48
C ALA A 228 2.06 11.66 5.85
N LEU A 229 0.86 11.22 6.22
CA LEU A 229 0.55 10.63 7.52
C LEU A 229 0.57 9.11 7.42
N PRO A 230 1.02 8.43 8.47
CA PRO A 230 0.94 6.96 8.50
C PRO A 230 -0.51 6.51 8.65
N SER A 231 -0.72 5.21 8.45
CA SER A 231 -2.08 4.67 8.58
C SER A 231 -2.57 4.63 10.03
N LEU A 232 -1.66 4.68 11.00
CA LEU A 232 -2.01 4.80 12.41
C LEU A 232 -1.19 5.95 12.98
N VAL A 233 -1.88 6.97 13.48
CA VAL A 233 -1.25 8.21 13.94
C VAL A 233 -1.10 8.15 15.45
N ASP A 234 0.11 8.38 15.94
CA ASP A 234 0.37 8.51 17.36
C ASP A 234 0.13 9.96 17.75
N ILE A 235 -0.89 10.21 18.57
CA ILE A 235 -1.22 11.54 19.07
C ILE A 235 -0.61 11.71 20.46
N SER A 236 0.18 12.77 20.63
CA SER A 236 0.86 13.03 21.90
C SER A 236 0.15 14.20 22.59
N VAL A 237 -0.45 13.93 23.74
CA VAL A 237 -1.05 14.93 24.61
C VAL A 237 -0.12 15.10 25.82
N PRO A 238 0.62 16.20 25.92
CA PRO A 238 1.56 16.36 27.03
C PRO A 238 0.86 16.54 28.37
N HIS A 239 1.65 16.52 29.43
CA HIS A 239 1.15 16.63 30.79
C HIS A 239 0.32 17.89 30.97
N GLY A 240 -0.92 17.72 31.46
CA GLY A 240 -1.79 18.84 31.75
C GLY A 240 -2.73 19.25 30.64
N LYS A 241 -2.52 18.78 29.41
CA LYS A 241 -3.35 19.16 28.28
C LYS A 241 -4.42 18.09 28.05
N HIS A 242 -5.31 18.34 27.09
CA HIS A 242 -6.45 17.46 26.86
C HIS A 242 -6.71 17.30 25.36
N ILE A 243 -7.69 16.46 25.04
CA ILE A 243 -8.12 16.21 23.68
C ILE A 243 -9.54 15.65 23.73
N THR A 244 -10.31 15.93 22.69
CA THR A 244 -11.72 15.50 22.62
C THR A 244 -11.89 14.52 21.46
N VAL A 245 -12.39 13.32 21.78
CA VAL A 245 -12.67 12.29 20.78
C VAL A 245 -14.16 12.34 20.45
N CYS A 246 -14.47 12.45 19.16
CA CYS A 246 -15.84 12.53 18.68
C CYS A 246 -16.15 11.32 17.80
N GLY A 247 -17.43 10.97 17.76
CA GLY A 247 -17.93 9.85 17.00
C GLY A 247 -18.53 10.27 15.68
N ASP A 248 -19.42 9.44 15.17
CA ASP A 248 -20.11 9.74 13.92
C ASP A 248 -20.85 11.07 14.02
N VAL A 249 -20.76 11.88 12.96
CA VAL A 249 -21.58 13.07 12.85
C VAL A 249 -22.46 13.07 11.62
N HIS A 250 -22.15 12.25 10.61
CA HIS A 250 -22.99 12.01 9.44
C HIS A 250 -23.70 13.27 8.94
N GLY A 251 -22.90 14.30 8.65
CA GLY A 251 -23.41 15.47 7.98
C GLY A 251 -24.35 16.35 8.77
N GLN A 252 -24.50 16.13 10.08
CA GLN A 252 -25.34 16.98 10.91
C GLN A 252 -24.51 18.18 11.36
N PHE A 253 -24.41 19.16 10.46
CA PHE A 253 -23.52 20.29 10.68
C PHE A 253 -23.92 21.10 11.89
N TYR A 254 -25.23 21.27 12.12
CA TYR A 254 -25.66 22.14 13.20
C TYR A 254 -25.43 21.49 14.57
N ASP A 255 -25.39 20.16 14.62
CA ASP A 255 -24.95 19.50 15.84
C ASP A 255 -23.43 19.58 16.01
N LEU A 256 -22.69 19.62 14.91
CA LEU A 256 -21.26 19.90 15.00
C LEU A 256 -21.01 21.27 15.57
N LEU A 257 -21.76 22.28 15.11
CA LEU A 257 -21.64 23.62 15.69
C LEU A 257 -21.98 23.60 17.17
N ASN A 258 -22.97 22.80 17.56
CA ASN A 258 -23.32 22.66 18.96
C ASN A 258 -22.17 22.08 19.76
N ILE A 259 -21.50 21.05 19.21
CA ILE A 259 -20.35 20.47 19.90
C ILE A 259 -19.29 21.53 20.15
N PHE A 260 -18.99 22.33 19.13
CA PHE A 260 -17.95 23.36 19.26
C PHE A 260 -18.37 24.43 20.25
N GLU A 261 -19.67 24.77 20.29
CA GLU A 261 -20.13 25.76 21.25
C GLU A 261 -20.07 25.24 22.67
N LEU A 262 -20.28 23.94 22.88
CA LEU A 262 -20.26 23.37 24.21
C LEU A 262 -18.86 23.01 24.70
N ASN A 263 -17.89 22.86 23.79
CA ASN A 263 -16.58 22.33 24.13
C ASN A 263 -15.43 23.14 23.58
N GLY A 264 -15.70 24.18 22.79
CA GLY A 264 -14.62 24.99 22.24
C GLY A 264 -14.19 24.55 20.87
N LEU A 265 -13.83 25.54 20.04
CA LEU A 265 -13.38 25.28 18.69
C LEU A 265 -12.10 24.45 18.71
N PRO A 266 -11.83 23.73 17.62
CA PRO A 266 -10.53 23.04 17.50
C PRO A 266 -9.39 24.04 17.52
N SER A 267 -8.38 23.74 18.35
CA SER A 267 -7.19 24.58 18.42
C SER A 267 -6.02 23.72 18.86
N GLU A 268 -4.82 24.30 18.76
CA GLU A 268 -3.64 23.63 19.29
C GLU A 268 -3.80 23.33 20.78
N GLU A 269 -4.51 24.19 21.51
CA GLU A 269 -4.75 24.00 22.93
C GLU A 269 -5.98 23.14 23.21
N ASN A 270 -6.88 23.01 22.25
CA ASN A 270 -8.12 22.24 22.39
C ASN A 270 -8.29 21.37 21.15
N PRO A 271 -7.51 20.30 21.04
CA PRO A 271 -7.55 19.48 19.83
C PRO A 271 -8.77 18.57 19.80
N TYR A 272 -9.05 18.06 18.59
CA TYR A 272 -10.16 17.15 18.36
C TYR A 272 -9.68 15.94 17.57
N LEU A 273 -10.26 14.78 17.87
CA LEU A 273 -10.17 13.60 17.02
C LEU A 273 -11.58 13.24 16.60
N PHE A 274 -11.83 13.22 15.29
CA PHE A 274 -13.14 12.85 14.75
C PHE A 274 -13.02 11.46 14.14
N ASN A 275 -13.73 10.50 14.73
CA ASN A 275 -13.51 9.08 14.45
C ASN A 275 -14.34 8.62 13.26
N GLY A 276 -14.12 9.28 12.12
CA GLY A 276 -14.71 8.87 10.86
C GLY A 276 -16.20 9.15 10.78
N ASP A 277 -16.75 8.81 9.61
CA ASP A 277 -18.16 8.98 9.30
C ASP A 277 -18.61 10.42 9.51
N PHE A 278 -17.94 11.33 8.80
CA PHE A 278 -18.31 12.74 8.87
C PHE A 278 -19.48 13.05 7.94
N VAL A 279 -19.63 12.28 6.87
CA VAL A 279 -20.57 12.63 5.81
C VAL A 279 -21.62 11.53 5.65
N ASP A 280 -22.43 11.64 4.59
CA ASP A 280 -23.51 10.73 4.26
C ASP A 280 -24.63 10.79 5.28
N ARG A 281 -25.81 10.28 4.89
CA ARG A 281 -26.97 10.11 5.77
C ARG A 281 -27.57 11.46 6.15
N GLY A 282 -26.76 12.38 6.71
CA GLY A 282 -27.23 13.72 6.96
C GLY A 282 -27.05 14.63 5.76
N SER A 283 -27.85 15.70 5.73
CA SER A 283 -27.99 16.53 4.54
C SER A 283 -27.18 17.81 4.61
N PHE A 284 -26.22 17.91 5.52
CA PHE A 284 -25.28 19.03 5.57
C PHE A 284 -23.85 18.49 5.61
N SER A 285 -23.57 17.50 4.76
CA SER A 285 -22.28 16.82 4.78
C SER A 285 -21.17 17.67 4.16
N VAL A 286 -21.48 18.48 3.16
CA VAL A 286 -20.45 19.33 2.55
C VAL A 286 -19.93 20.32 3.57
N GLU A 287 -20.82 20.93 4.35
CA GLU A 287 -20.41 21.95 5.32
C GLU A 287 -19.53 21.38 6.42
N ILE A 288 -19.81 20.15 6.87
CA ILE A 288 -18.97 19.55 7.90
C ILE A 288 -17.57 19.27 7.36
N ILE A 289 -17.49 18.60 6.22
CA ILE A 289 -16.19 18.18 5.72
C ILE A 289 -15.34 19.37 5.33
N LEU A 290 -15.97 20.47 4.88
CA LEU A 290 -15.20 21.67 4.58
C LEU A 290 -14.73 22.36 5.85
N THR A 291 -15.54 22.30 6.91
CA THR A 291 -15.13 22.86 8.20
C THR A 291 -14.01 22.04 8.82
N LEU A 292 -14.15 20.71 8.84
CA LEU A 292 -13.13 19.86 9.43
C LEU A 292 -11.83 19.92 8.64
N PHE A 293 -11.91 19.93 7.31
CA PHE A 293 -10.71 20.01 6.49
C PHE A 293 -10.03 21.36 6.66
N ALA A 294 -10.81 22.44 6.79
CA ALA A 294 -10.21 23.76 6.97
C ALA A 294 -9.49 23.87 8.31
N PHE A 295 -10.08 23.32 9.37
CA PHE A 295 -9.41 23.32 10.67
C PHE A 295 -8.11 22.55 10.61
N LYS A 296 -8.07 21.46 9.83
CA LYS A 296 -6.82 20.74 9.62
C LYS A 296 -5.83 21.58 8.83
N CYS A 297 -6.32 22.34 7.85
CA CYS A 297 -5.46 23.21 7.08
C CYS A 297 -4.88 24.32 7.94
N MET A 298 -5.70 24.93 8.78
CA MET A 298 -5.28 26.01 9.65
C MET A 298 -4.15 25.55 10.58
N CYS A 299 -4.46 24.62 11.48
CA CYS A 299 -3.47 24.05 12.40
C CYS A 299 -3.62 22.54 12.36
N PRO A 300 -2.72 21.83 11.69
CA PRO A 300 -2.86 20.36 11.61
C PRO A 300 -2.97 19.67 12.95
N SER A 301 -2.26 20.16 13.97
CA SER A 301 -2.33 19.57 15.30
C SER A 301 -3.62 19.93 16.04
N SER A 302 -4.52 20.72 15.44
CA SER A 302 -5.76 21.10 16.09
C SER A 302 -6.90 20.11 15.88
N ILE A 303 -6.76 19.22 14.91
CA ILE A 303 -7.82 18.25 14.61
C ILE A 303 -7.18 17.02 13.96
N TYR A 304 -7.76 15.86 14.26
CA TYR A 304 -7.33 14.59 13.68
C TYR A 304 -8.54 13.89 13.11
N LEU A 305 -8.44 13.44 11.87
CA LEU A 305 -9.56 12.86 11.14
C LEU A 305 -9.25 11.41 10.82
N ALA A 306 -9.92 10.49 11.51
CA ALA A 306 -9.87 9.08 11.18
C ALA A 306 -10.88 8.76 10.09
N ARG A 307 -10.68 7.64 9.40
CA ARG A 307 -11.57 7.23 8.34
C ARG A 307 -12.70 6.38 8.89
N GLY A 308 -13.90 6.57 8.35
CA GLY A 308 -15.02 5.71 8.60
C GLY A 308 -15.38 4.88 7.37
N ASN A 309 -16.43 4.07 7.53
CA ASN A 309 -16.90 3.28 6.41
C ASN A 309 -17.62 4.14 5.38
N HIS A 310 -18.16 5.30 5.78
CA HIS A 310 -18.90 6.17 4.89
C HIS A 310 -18.01 7.20 4.21
N GLU A 311 -16.71 7.12 4.38
CA GLU A 311 -15.76 7.86 3.56
C GLU A 311 -15.24 6.97 2.44
N SER A 312 -16.17 6.57 1.57
CA SER A 312 -15.92 5.56 0.55
C SER A 312 -16.80 5.83 -0.64
N LYS A 313 -16.24 5.70 -1.85
CA LYS A 313 -17.04 5.87 -3.06
C LYS A 313 -18.27 4.96 -3.04
N SER A 314 -18.12 3.74 -2.49
CA SER A 314 -19.23 2.81 -2.41
C SER A 314 -20.40 3.40 -1.64
N MET A 315 -20.11 4.10 -0.54
CA MET A 315 -21.14 4.67 0.32
C MET A 315 -21.62 6.03 -0.18
N ASN A 316 -20.69 6.93 -0.51
CA ASN A 316 -21.07 8.30 -0.85
C ASN A 316 -21.91 8.34 -2.12
N LYS A 317 -21.71 7.40 -3.03
CA LYS A 317 -22.47 7.41 -4.29
C LYS A 317 -23.96 7.24 -4.05
N ILE A 318 -24.35 6.60 -2.95
CA ILE A 318 -25.75 6.28 -2.71
C ILE A 318 -26.31 6.91 -1.45
N TYR A 319 -25.48 7.43 -0.54
CA TYR A 319 -25.97 7.85 0.77
C TYR A 319 -25.90 9.34 1.02
N GLY A 320 -25.65 10.15 -0.02
CA GLY A 320 -25.88 11.57 0.12
C GLY A 320 -24.72 12.50 -0.14
N PHE A 321 -23.50 12.11 0.26
CA PHE A 321 -22.37 13.04 0.15
C PHE A 321 -22.06 13.36 -1.30
N GLU A 322 -22.04 12.36 -2.18
CA GLU A 322 -21.72 12.60 -3.58
C GLU A 322 -22.78 13.48 -4.24
N GLY A 323 -24.05 13.21 -4.00
CA GLY A 323 -25.10 14.08 -4.52
C GLY A 323 -25.07 15.46 -3.91
N GLU A 324 -24.71 15.55 -2.62
CA GLU A 324 -24.54 16.86 -2.00
C GLU A 324 -23.40 17.63 -2.66
N VAL A 325 -22.31 16.93 -2.99
CA VAL A 325 -21.17 17.58 -3.62
C VAL A 325 -21.54 18.07 -5.02
N ARG A 326 -22.23 17.22 -5.79
CA ARG A 326 -22.60 17.59 -7.16
C ARG A 326 -23.56 18.78 -7.17
N SER A 327 -24.33 18.98 -6.09
CA SER A 327 -25.27 20.08 -6.03
C SER A 327 -24.59 21.37 -5.60
N LYS A 328 -23.80 21.32 -4.53
CA LYS A 328 -23.21 22.52 -3.94
C LYS A 328 -21.83 22.85 -4.51
N LEU A 329 -21.07 21.85 -4.93
CA LEU A 329 -19.74 22.06 -5.51
C LEU A 329 -19.82 21.76 -7.00
N SER A 330 -18.89 21.01 -7.59
CA SER A 330 -19.01 20.59 -8.97
C SER A 330 -18.77 19.09 -9.06
N GLU A 331 -18.66 18.55 -10.28
CA GLU A 331 -18.49 17.11 -10.44
C GLU A 331 -17.06 16.65 -10.19
N LYS A 332 -16.07 17.55 -10.31
CA LYS A 332 -14.70 17.14 -10.07
C LYS A 332 -14.40 16.98 -8.59
N PHE A 333 -15.15 17.68 -7.72
CA PHE A 333 -14.97 17.50 -6.29
C PHE A 333 -15.31 16.08 -5.84
N VAL A 334 -16.16 15.37 -6.60
CA VAL A 334 -16.51 14.00 -6.24
C VAL A 334 -15.28 13.11 -6.25
N ASP A 335 -14.53 13.12 -7.35
CA ASP A 335 -13.32 12.30 -7.42
C ASP A 335 -12.24 12.82 -6.47
N LEU A 336 -12.13 14.15 -6.33
CA LEU A 336 -11.15 14.72 -5.41
C LEU A 336 -11.45 14.32 -3.98
N PHE A 337 -12.71 14.43 -3.55
CA PHE A 337 -13.07 14.03 -2.20
C PHE A 337 -12.82 12.55 -1.97
N ALA A 338 -13.07 11.71 -2.99
CA ALA A 338 -12.79 10.29 -2.86
C ALA A 338 -11.30 10.04 -2.67
N GLU A 339 -10.46 10.70 -3.48
CA GLU A 339 -9.03 10.54 -3.35
C GLU A 339 -8.54 10.99 -1.98
N VAL A 340 -9.04 12.12 -1.49
CA VAL A 340 -8.63 12.63 -0.19
C VAL A 340 -9.10 11.70 0.91
N PHE A 341 -10.30 11.12 0.77
CA PHE A 341 -10.78 10.17 1.76
C PHE A 341 -9.89 8.93 1.79
N CYS A 342 -9.41 8.48 0.63
CA CYS A 342 -8.50 7.34 0.59
C CYS A 342 -7.19 7.61 1.30
N TYR A 343 -6.82 8.88 1.49
CA TYR A 343 -5.60 9.22 2.22
C TYR A 343 -5.82 9.37 3.72
N LEU A 344 -7.06 9.32 4.20
CA LEU A 344 -7.31 9.48 5.62
C LEU A 344 -6.68 8.34 6.40
N PRO A 345 -6.10 8.62 7.57
CA PRO A 345 -5.57 7.54 8.40
C PRO A 345 -6.68 6.63 8.89
N LEU A 346 -6.29 5.40 9.24
CA LEU A 346 -7.24 4.38 9.63
C LEU A 346 -7.42 4.27 11.14
N ALA A 347 -6.48 4.77 11.93
CA ALA A 347 -6.56 4.60 13.37
C ALA A 347 -5.69 5.66 14.03
N HIS A 348 -5.88 5.84 15.33
CA HIS A 348 -5.05 6.73 16.13
C HIS A 348 -4.76 6.07 17.47
N VAL A 349 -3.64 6.48 18.09
CA VAL A 349 -3.28 6.04 19.43
C VAL A 349 -2.90 7.27 20.23
N ILE A 350 -3.60 7.49 21.34
CA ILE A 350 -3.39 8.68 22.17
C ILE A 350 -2.55 8.27 23.37
N ASN A 351 -1.40 8.96 23.52
CA ASN A 351 -0.43 8.73 24.61
C ASN A 351 -0.02 7.27 24.72
N GLY A 352 0.00 6.56 23.60
CA GLY A 352 0.34 5.15 23.62
C GLY A 352 -0.54 4.31 24.52
N LYS A 353 -1.70 4.82 24.89
CA LYS A 353 -2.57 4.16 25.85
C LYS A 353 -3.98 3.95 25.34
N VAL A 354 -4.54 4.92 24.62
CA VAL A 354 -5.92 4.86 24.14
C VAL A 354 -5.92 4.58 22.65
N PHE A 355 -6.56 3.48 22.25
CA PHE A 355 -6.63 3.05 20.86
C PHE A 355 -7.98 3.44 20.27
N VAL A 356 -7.96 4.18 19.16
CA VAL A 356 -9.16 4.76 18.56
C VAL A 356 -9.25 4.33 17.10
N VAL A 357 -10.14 3.39 16.81
CA VAL A 357 -10.55 3.07 15.46
C VAL A 357 -12.01 3.47 15.30
N HIS A 358 -12.51 3.37 14.07
CA HIS A 358 -13.92 3.65 13.85
C HIS A 358 -14.77 2.40 14.06
N GLY A 359 -14.43 1.31 13.37
CA GLY A 359 -15.21 0.09 13.45
C GLY A 359 -14.86 -0.79 14.63
N GLY A 360 -13.69 -1.43 14.59
CA GLY A 360 -13.30 -2.30 15.68
C GLY A 360 -12.07 -3.14 15.42
N LEU A 361 -12.10 -4.39 15.83
CA LEU A 361 -10.97 -5.30 15.72
C LEU A 361 -11.21 -6.32 14.61
N PHE A 362 -10.34 -7.34 14.57
CA PHE A 362 -10.17 -8.17 13.39
C PHE A 362 -10.58 -9.61 13.67
N SER A 363 -10.66 -10.39 12.58
CA SER A 363 -11.00 -11.79 12.67
C SER A 363 -9.82 -12.66 13.08
N VAL A 364 -8.61 -12.12 13.04
CA VAL A 364 -7.40 -12.87 13.39
C VAL A 364 -6.78 -12.20 14.60
N ASP A 365 -6.03 -12.99 15.37
CA ASP A 365 -5.36 -12.52 16.58
C ASP A 365 -3.91 -12.15 16.28
N GLY A 366 -3.30 -11.43 17.23
CA GLY A 366 -1.89 -11.07 17.12
C GLY A 366 -1.60 -9.89 16.23
N VAL A 367 -2.58 -9.04 15.97
CA VAL A 367 -2.37 -7.87 15.10
C VAL A 367 -1.78 -6.74 15.95
N LYS A 368 -0.57 -6.31 15.60
CA LYS A 368 0.11 -5.27 16.34
C LYS A 368 -0.12 -3.92 15.68
N LEU A 369 0.26 -2.85 16.40
CA LEU A 369 0.11 -1.50 15.86
C LEU A 369 0.97 -1.30 14.62
N SER A 370 2.12 -1.99 14.54
CA SER A 370 2.95 -1.88 13.36
C SER A 370 2.22 -2.35 12.11
N ASP A 371 1.40 -3.39 12.25
CA ASP A 371 0.62 -3.89 11.13
C ASP A 371 -0.38 -2.85 10.64
N ILE A 372 -1.05 -2.16 11.56
CA ILE A 372 -2.00 -1.13 11.17
C ILE A 372 -1.27 0.06 10.57
N ARG A 373 -0.14 0.44 11.15
CA ARG A 373 0.61 1.59 10.65
C ARG A 373 1.09 1.37 9.22
N ALA A 374 1.38 0.13 8.85
CA ALA A 374 1.95 -0.18 7.54
C ALA A 374 0.90 -0.47 6.48
N ILE A 375 -0.38 -0.33 6.78
CA ILE A 375 -1.42 -0.68 5.82
C ILE A 375 -1.36 0.28 4.63
N ASP A 376 -1.40 -0.28 3.42
CA ASP A 376 -1.47 0.50 2.19
C ASP A 376 -2.92 0.95 2.02
N ARG A 377 -3.27 2.01 2.74
CA ARG A 377 -4.66 2.45 2.84
C ARG A 377 -5.16 3.21 1.62
N PHE A 378 -4.30 3.54 0.66
CA PHE A 378 -4.72 4.39 -0.47
C PHE A 378 -5.48 3.55 -1.50
N CYS A 379 -6.70 3.20 -1.13
CA CYS A 379 -7.64 2.52 -2.01
C CYS A 379 -9.00 2.54 -1.35
N GLU A 380 -10.01 2.17 -2.11
CA GLU A 380 -11.32 1.95 -1.52
C GLU A 380 -11.27 0.71 -0.62
N PRO A 381 -11.97 0.72 0.50
CA PRO A 381 -11.90 -0.41 1.44
C PRO A 381 -12.33 -1.70 0.75
N PRO A 382 -11.48 -2.73 0.78
CA PRO A 382 -11.82 -3.99 0.11
C PRO A 382 -12.91 -4.74 0.85
N GLU A 383 -13.30 -5.89 0.33
CA GLU A 383 -14.25 -6.77 1.01
C GLU A 383 -13.57 -7.71 1.99
N GLU A 384 -12.23 -7.71 2.04
CA GLU A 384 -11.46 -8.56 2.93
C GLU A 384 -10.24 -7.80 3.45
N GLY A 385 -9.75 -8.21 4.60
CA GLY A 385 -8.49 -7.73 5.14
C GLY A 385 -8.66 -6.85 6.37
N LEU A 386 -7.52 -6.35 6.83
CA LEU A 386 -7.50 -5.56 8.07
C LEU A 386 -8.26 -4.25 7.90
N MET A 387 -8.14 -3.61 6.75
CA MET A 387 -8.79 -2.32 6.52
C MET A 387 -10.30 -2.45 6.61
N CYS A 388 -10.88 -3.40 5.88
CA CYS A 388 -12.33 -3.59 5.90
C CYS A 388 -12.82 -3.90 7.30
N GLU A 389 -12.07 -4.69 8.06
CA GLU A 389 -12.53 -5.15 9.37
C GLU A 389 -12.46 -4.04 10.42
N LEU A 390 -11.39 -3.24 10.42
CA LEU A 390 -11.32 -2.15 11.38
C LEU A 390 -12.29 -1.02 11.04
N LEU A 391 -12.84 -1.00 9.84
CA LEU A 391 -13.79 0.03 9.44
C LEU A 391 -15.24 -0.38 9.59
N TRP A 392 -15.53 -1.68 9.75
CA TRP A 392 -16.90 -2.17 9.72
C TRP A 392 -17.30 -3.02 10.92
N SER A 393 -16.38 -3.39 11.80
CA SER A 393 -16.71 -4.34 12.86
C SER A 393 -17.55 -3.69 13.95
N ASP A 394 -18.24 -4.56 14.69
CA ASP A 394 -19.04 -4.19 15.85
C ASP A 394 -18.72 -5.15 16.99
N PRO A 395 -18.70 -4.66 18.22
CA PRO A 395 -18.47 -5.56 19.36
C PRO A 395 -19.73 -6.30 19.75
N GLN A 396 -19.53 -7.52 20.25
CA GLN A 396 -20.61 -8.34 20.76
C GLN A 396 -20.39 -8.59 22.26
N PRO A 397 -21.47 -8.78 23.02
CA PRO A 397 -21.29 -8.98 24.47
C PRO A 397 -20.66 -10.31 24.82
N LEU A 398 -20.98 -11.37 24.07
CA LEU A 398 -20.43 -12.68 24.41
C LEU A 398 -19.00 -12.81 23.89
N PRO A 399 -18.12 -13.46 24.66
CA PRO A 399 -16.76 -13.72 24.17
C PRO A 399 -16.72 -14.46 22.83
N GLY A 400 -15.62 -14.32 22.11
CA GLY A 400 -15.45 -14.97 20.83
C GLY A 400 -15.70 -14.05 19.67
N ARG A 401 -15.89 -14.66 18.50
CA ARG A 401 -16.22 -13.95 17.27
C ARG A 401 -17.53 -14.49 16.70
N GLY A 402 -18.08 -13.75 15.75
CA GLY A 402 -19.32 -14.15 15.12
C GLY A 402 -19.61 -13.36 13.86
N PRO A 403 -20.61 -13.79 13.10
CA PRO A 403 -20.95 -13.10 11.86
C PRO A 403 -21.43 -11.68 12.13
N SER A 404 -21.11 -10.78 11.21
CA SER A 404 -21.49 -9.38 11.37
C SER A 404 -22.99 -9.20 11.21
N LYS A 405 -23.58 -8.40 12.10
CA LYS A 405 -24.98 -8.04 11.94
C LYS A 405 -25.21 -7.19 10.69
N ARG A 406 -24.18 -6.50 10.22
CA ARG A 406 -24.27 -5.64 9.03
C ARG A 406 -24.00 -6.38 7.73
N GLY A 407 -23.63 -7.67 7.79
CA GLY A 407 -23.21 -8.41 6.61
C GLY A 407 -21.83 -8.05 6.10
N VAL A 408 -21.18 -7.03 6.67
CA VAL A 408 -19.83 -6.63 6.30
C VAL A 408 -18.99 -6.59 7.57
N GLY A 409 -17.84 -7.28 7.55
CA GLY A 409 -17.00 -7.32 8.72
C GLY A 409 -17.31 -8.49 9.62
N LEU A 410 -17.35 -8.26 10.94
CA LEU A 410 -17.49 -9.33 11.91
C LEU A 410 -17.89 -8.74 13.25
N SER A 411 -18.25 -9.63 14.17
CA SER A 411 -18.55 -9.26 15.55
C SER A 411 -17.48 -9.84 16.46
N PHE A 412 -16.93 -9.00 17.34
CA PHE A 412 -15.83 -9.40 18.21
C PHE A 412 -16.22 -9.18 19.67
N GLY A 413 -15.85 -10.14 20.52
CA GLY A 413 -16.21 -10.12 21.92
C GLY A 413 -15.18 -9.43 22.79
N GLY A 414 -15.43 -9.49 24.10
CA GLY A 414 -14.53 -8.84 25.05
C GLY A 414 -13.17 -9.49 25.14
N ASP A 415 -13.08 -10.79 24.84
CA ASP A 415 -11.77 -11.44 24.84
C ASP A 415 -10.90 -10.94 23.70
N VAL A 416 -11.51 -10.65 22.55
CA VAL A 416 -10.77 -10.09 21.43
C VAL A 416 -10.22 -8.71 21.79
N THR A 417 -11.02 -7.89 22.45
CA THR A 417 -10.55 -6.57 22.87
C THR A 417 -9.41 -6.69 23.88
N LYS A 418 -9.58 -7.54 24.89
CA LYS A 418 -8.57 -7.64 25.94
C LYS A 418 -7.24 -8.16 25.40
N ARG A 419 -7.28 -9.19 24.55
CA ARG A 419 -6.05 -9.73 23.97
C ARG A 419 -5.33 -8.68 23.13
N PHE A 420 -6.08 -7.97 22.27
CA PHE A 420 -5.46 -6.94 21.44
C PHE A 420 -4.85 -5.86 22.31
N LEU A 421 -5.49 -5.52 23.43
CA LEU A 421 -5.00 -4.41 24.26
C LEU A 421 -3.73 -4.80 25.00
N GLN A 422 -3.72 -5.98 25.63
CA GLN A 422 -2.51 -6.44 26.30
C GLN A 422 -1.39 -6.71 25.32
N ASP A 423 -1.72 -7.25 24.15
CA ASP A 423 -0.71 -7.53 23.13
C ASP A 423 -0.01 -6.27 22.67
N ASN A 424 -0.69 -5.12 22.75
CA ASN A 424 -0.16 -3.86 22.25
C ASN A 424 0.14 -2.85 23.35
N ASN A 425 0.12 -3.29 24.61
CA ASN A 425 0.37 -2.42 25.77
C ASN A 425 -0.56 -1.21 25.78
N LEU A 426 -1.83 -1.44 25.43
CA LEU A 426 -2.85 -0.40 25.40
C LEU A 426 -3.80 -0.56 26.58
N ASP A 427 -4.42 0.55 26.98
CA ASP A 427 -5.32 0.56 28.12
C ASP A 427 -6.80 0.51 27.75
N LEU A 428 -7.18 1.07 26.61
CA LEU A 428 -8.58 1.25 26.30
C LEU A 428 -8.79 1.25 24.79
N LEU A 429 -9.96 0.81 24.36
CA LEU A 429 -10.38 0.89 22.97
C LEU A 429 -11.57 1.82 22.86
N VAL A 430 -11.47 2.83 22.00
CA VAL A 430 -12.55 3.75 21.71
C VAL A 430 -12.93 3.61 20.25
N ARG A 431 -14.23 3.56 19.97
CA ARG A 431 -14.72 3.33 18.61
C ARG A 431 -16.10 3.96 18.46
N SER A 432 -16.60 3.94 17.24
CA SER A 432 -17.89 4.56 16.95
C SER A 432 -18.77 3.64 16.12
N HIS A 433 -19.15 4.09 14.92
CA HIS A 433 -19.75 3.23 13.88
C HIS A 433 -21.17 2.77 14.20
N GLU A 434 -21.53 2.72 15.49
CA GLU A 434 -22.81 2.21 15.93
C GLU A 434 -23.56 3.28 16.72
N VAL A 435 -24.86 3.42 16.41
CA VAL A 435 -25.69 4.39 17.12
C VAL A 435 -25.94 3.89 18.54
N LYS A 436 -25.98 4.84 19.49
CA LYS A 436 -26.26 4.52 20.88
C LYS A 436 -27.28 5.52 21.43
N ASP A 437 -28.09 5.04 22.37
CA ASP A 437 -29.16 5.87 22.94
C ASP A 437 -28.60 7.12 23.61
N GLU A 438 -27.64 6.95 24.51
CA GLU A 438 -27.03 8.04 25.24
C GLU A 438 -25.80 8.61 24.54
N GLY A 439 -25.56 8.24 23.28
CA GLY A 439 -24.36 8.65 22.59
C GLY A 439 -23.12 7.88 22.98
N TYR A 440 -23.22 6.94 23.92
CA TYR A 440 -22.06 6.17 24.35
C TYR A 440 -22.54 4.87 24.98
N GLU A 441 -21.64 3.89 25.01
CA GLU A 441 -21.87 2.68 25.78
C GLU A 441 -20.52 2.06 26.12
N VAL A 442 -20.38 1.64 27.37
CA VAL A 442 -19.18 0.98 27.86
C VAL A 442 -19.40 -0.53 27.78
N GLU A 443 -18.50 -1.23 27.09
CA GLU A 443 -18.62 -2.67 26.93
C GLU A 443 -17.27 -3.33 27.21
N HIS A 444 -17.29 -4.67 27.23
CA HIS A 444 -16.08 -5.47 27.36
C HIS A 444 -15.35 -5.17 28.67
N ASP A 445 -16.12 -5.04 29.76
CA ASP A 445 -15.60 -4.80 31.10
C ASP A 445 -14.77 -3.52 31.16
N GLY A 446 -15.34 -2.44 30.63
CA GLY A 446 -14.69 -1.15 30.67
C GLY A 446 -13.48 -1.02 29.77
N LYS A 447 -13.30 -1.93 28.81
CA LYS A 447 -12.17 -1.85 27.90
C LYS A 447 -12.56 -1.33 26.51
N LEU A 448 -13.85 -1.30 26.20
CA LEU A 448 -14.31 -0.74 24.94
C LEU A 448 -15.41 0.29 25.21
N ILE A 449 -15.31 1.43 24.53
CA ILE A 449 -16.31 2.49 24.63
C ILE A 449 -16.71 2.90 23.23
N THR A 450 -18.00 2.82 22.94
CA THR A 450 -18.55 3.36 21.71
C THR A 450 -18.94 4.81 21.94
N VAL A 451 -18.53 5.69 21.04
CA VAL A 451 -18.85 7.11 21.12
C VAL A 451 -19.52 7.52 19.81
N PHE A 452 -20.59 8.29 19.92
CA PHE A 452 -21.44 8.60 18.76
C PHE A 452 -21.95 10.02 18.93
N SER A 453 -21.58 10.91 18.01
CA SER A 453 -21.78 12.34 18.18
C SER A 453 -22.85 12.91 17.28
N ALA A 454 -23.74 12.06 16.75
CA ALA A 454 -24.85 12.53 15.91
C ALA A 454 -26.16 12.39 16.68
N PRO A 455 -26.55 13.38 17.48
CA PRO A 455 -27.77 13.23 18.28
C PRO A 455 -29.00 13.32 17.39
N ASN A 456 -30.04 12.58 17.80
CA ASN A 456 -31.26 12.45 17.02
C ASN A 456 -30.94 12.00 15.60
N TYR A 457 -30.28 10.86 15.52
CA TYR A 457 -29.78 10.33 14.25
C TYR A 457 -30.88 10.28 13.20
N CYS A 458 -30.57 10.79 12.01
CA CYS A 458 -31.49 10.85 10.87
C CYS A 458 -32.77 11.61 11.18
N ASP A 459 -32.73 12.51 12.17
CA ASP A 459 -33.88 13.32 12.57
C ASP A 459 -35.05 12.47 13.04
N GLN A 460 -34.77 11.28 13.57
CA GLN A 460 -35.86 10.36 13.91
C GLN A 460 -35.47 9.41 15.05
N MET A 461 -34.17 9.30 15.33
CA MET A 461 -33.73 8.32 16.32
C MET A 461 -33.97 8.78 17.75
N GLY A 462 -33.85 10.07 18.03
CA GLY A 462 -34.09 10.60 19.35
C GLY A 462 -32.99 10.36 20.36
N ASN A 463 -31.80 9.99 19.92
CA ASN A 463 -30.71 9.68 20.83
C ASN A 463 -29.92 10.94 21.19
N LYS A 464 -29.23 10.87 22.31
CA LYS A 464 -28.25 11.90 22.63
C LYS A 464 -26.94 11.59 21.93
N GLY A 465 -26.17 12.63 21.64
CA GLY A 465 -24.82 12.48 21.16
C GLY A 465 -23.84 12.58 22.32
N ALA A 466 -22.61 12.19 22.06
CA ALA A 466 -21.61 12.21 23.12
C ALA A 466 -20.22 12.39 22.53
N PHE A 467 -19.32 12.91 23.36
CA PHE A 467 -17.90 12.98 23.06
C PHE A 467 -17.13 12.75 24.35
N ILE A 468 -15.88 12.32 24.21
CA ILE A 468 -15.04 11.93 25.34
C ILE A 468 -13.84 12.85 25.40
N ARG A 469 -13.68 13.55 26.52
CA ARG A 469 -12.47 14.33 26.78
C ARG A 469 -11.46 13.47 27.51
N PHE A 470 -10.22 13.51 27.05
CA PHE A 470 -9.11 12.80 27.67
C PHE A 470 -8.09 13.83 28.12
N GLU A 471 -7.84 13.88 29.41
CA GLU A 471 -6.86 14.80 29.97
C GLU A 471 -5.69 14.01 30.52
N ALA A 472 -4.48 14.48 30.22
CA ALA A 472 -3.19 13.86 30.49
C ALA A 472 -2.68 14.25 31.87
N PRO A 473 -1.96 13.37 32.56
CA PRO A 473 -1.40 12.11 32.05
C PRO A 473 -2.24 10.85 32.30
N ASP A 474 -3.12 10.87 33.30
CA ASP A 474 -3.80 9.65 33.73
C ASP A 474 -4.86 9.17 32.75
N MET A 475 -5.26 10.01 31.78
CA MET A 475 -6.06 9.58 30.64
C MET A 475 -7.39 8.97 31.05
N LYS A 476 -8.00 9.47 32.10
CA LYS A 476 -9.35 9.03 32.46
C LYS A 476 -10.35 9.56 31.44
N PRO A 477 -11.22 8.71 30.88
CA PRO A 477 -12.20 9.18 29.87
C PRO A 477 -13.36 9.91 30.52
N ASN A 478 -13.43 11.22 30.30
CA ASN A 478 -14.51 12.05 30.84
C ASN A 478 -15.56 12.20 29.72
N ILE A 479 -16.63 11.44 29.82
CA ILE A 479 -17.66 11.41 28.80
C ILE A 479 -18.64 12.56 29.04
N VAL A 480 -19.04 13.23 27.96
CA VAL A 480 -20.00 14.32 28.01
C VAL A 480 -21.04 14.07 26.94
N THR A 481 -22.32 14.14 27.32
CA THR A 481 -23.44 13.92 26.42
C THR A 481 -24.16 15.22 26.13
N PHE A 482 -24.80 15.27 24.97
CA PHE A 482 -25.51 16.47 24.53
C PHE A 482 -26.69 16.06 23.67
N SER A 483 -27.63 16.97 23.53
CA SER A 483 -28.85 16.75 22.75
C SER A 483 -28.80 17.56 21.46
N ALA A 484 -29.71 17.23 20.55
CA ALA A 484 -29.72 17.83 19.23
C ALA A 484 -30.22 19.28 19.28
N VAL A 485 -29.82 20.05 18.28
CA VAL A 485 -30.25 21.44 18.12
C VAL A 485 -31.05 21.53 16.84
N PRO A 486 -31.85 22.58 16.67
CA PRO A 486 -32.60 22.73 15.41
C PRO A 486 -31.68 23.02 14.23
N HIS A 487 -32.21 22.75 13.05
CA HIS A 487 -31.52 23.00 11.79
C HIS A 487 -32.56 23.35 10.74
N PRO A 488 -32.14 23.96 9.63
CA PRO A 488 -33.10 24.29 8.56
C PRO A 488 -33.85 23.07 8.06
N ASP A 489 -34.99 23.33 7.41
CA ASP A 489 -35.85 22.26 6.91
C ASP A 489 -35.24 21.58 5.69
N VAL A 490 -34.18 20.82 5.91
CA VAL A 490 -33.58 19.97 4.87
C VAL A 490 -33.59 18.54 5.42
N LYS A 491 -34.39 17.68 4.82
CA LYS A 491 -34.58 16.34 5.35
C LYS A 491 -33.35 15.47 5.09
N PRO A 492 -33.09 14.50 5.96
CA PRO A 492 -32.00 13.55 5.71
C PRO A 492 -32.17 12.83 4.38
N MET A 493 -31.05 12.37 3.83
CA MET A 493 -31.00 11.66 2.55
C MET A 493 -31.48 12.52 1.38
N ALA A 494 -31.53 13.85 1.56
CA ALA A 494 -32.07 14.72 0.51
C ALA A 494 -31.27 14.60 -0.78
N TYR A 495 -29.95 14.55 -0.68
CA TYR A 495 -29.08 14.40 -1.85
C TYR A 495 -28.66 12.95 -2.08
N ALA A 496 -29.29 12.00 -1.39
CA ALA A 496 -28.93 10.60 -1.47
C ALA A 496 -29.59 9.94 -2.68
N ASN A 497 -29.31 8.64 -2.85
CA ASN A 497 -29.87 7.88 -3.95
C ASN A 497 -31.40 7.85 -3.87
N ASN A 498 -32.05 8.05 -5.02
CA ASN A 498 -33.50 8.23 -5.05
C ASN A 498 -34.22 7.01 -4.49
N PHE A 499 -33.82 5.81 -4.90
CA PHE A 499 -34.52 4.60 -4.48
C PHE A 499 -34.35 4.34 -2.98
N LEU A 500 -33.14 4.57 -2.45
CA LEU A 500 -32.94 4.45 -1.01
C LEU A 500 -33.79 5.44 -0.22
N ARG A 501 -34.19 6.55 -0.85
CA ARG A 501 -34.97 7.57 -0.15
C ARG A 501 -36.39 7.10 0.12
N MET A 502 -37.01 6.44 -0.85
CA MET A 502 -38.42 6.10 -0.77
C MET A 502 -38.65 4.83 0.02
N PHE A 503 -37.79 4.53 0.99
CA PHE A 503 -38.04 3.41 1.88
C PHE A 503 -38.14 3.85 3.33
N ASN A 504 -37.36 3.22 4.21
CA ASN A 504 -37.44 3.36 5.67
C ASN A 504 -38.88 3.45 6.21
N ASP B 29 45.68 23.10 -23.54
CA ASP B 29 45.44 23.03 -24.98
C ASP B 29 43.98 22.67 -25.27
N VAL B 30 43.22 23.66 -25.74
CA VAL B 30 41.79 23.45 -25.99
C VAL B 30 41.57 22.50 -27.16
N SER B 31 42.46 22.52 -28.15
CA SER B 31 42.28 21.69 -29.34
C SER B 31 42.37 20.20 -28.99
N ARG B 32 43.41 19.81 -28.25
CA ARG B 32 43.54 18.42 -27.85
C ARG B 32 42.41 17.99 -26.93
N ALA B 33 41.89 18.92 -26.11
CA ALA B 33 40.76 18.59 -25.24
C ALA B 33 39.50 18.33 -26.05
N GLU B 34 39.25 19.13 -27.09
CA GLU B 34 38.10 18.86 -27.95
C GLU B 34 38.30 17.61 -28.77
N GLU B 35 39.55 17.26 -29.09
CA GLU B 35 39.84 15.97 -29.70
C GLU B 35 39.45 14.83 -28.77
N PHE B 36 39.80 14.95 -27.48
CA PHE B 36 39.43 13.92 -26.52
C PHE B 36 37.92 13.86 -26.32
N LYS B 37 37.24 15.01 -26.40
CA LYS B 37 35.79 15.03 -26.28
C LYS B 37 35.14 14.29 -27.44
N SER B 38 35.61 14.52 -28.66
CA SER B 38 35.05 13.84 -29.82
C SER B 38 35.34 12.35 -29.78
N GLN B 39 36.54 11.96 -29.36
CA GLN B 39 36.86 10.55 -29.20
C GLN B 39 35.95 9.90 -28.16
N ALA B 40 35.69 10.62 -27.06
CA ALA B 40 34.82 10.08 -26.02
C ALA B 40 33.38 9.98 -26.50
N ASN B 41 32.91 10.99 -27.27
CA ASN B 41 31.56 10.92 -27.82
C ASN B 41 31.44 9.75 -28.79
N GLU B 42 32.51 9.46 -29.53
CA GLU B 42 32.49 8.29 -30.41
C GLU B 42 32.39 7.01 -29.60
N ALA B 43 33.13 6.90 -28.50
CA ALA B 43 32.99 5.75 -27.62
C ALA B 43 31.61 5.72 -26.96
N PHE B 44 30.98 6.89 -26.79
CA PHE B 44 29.63 6.92 -26.23
C PHE B 44 28.62 6.27 -27.16
N LYS B 45 28.68 6.63 -28.46
CA LYS B 45 27.76 6.05 -29.43
C LYS B 45 27.94 4.54 -29.56
N GLY B 46 29.15 4.04 -29.33
CA GLY B 46 29.45 2.63 -29.40
C GLY B 46 29.30 1.88 -28.10
N HIS B 47 28.65 2.49 -27.10
CA HIS B 47 28.40 1.90 -25.79
C HIS B 47 29.68 1.52 -25.04
N LYS B 48 30.80 2.15 -25.40
CA LYS B 48 32.05 1.99 -24.66
C LYS B 48 32.13 3.09 -23.59
N TYR B 49 31.31 2.92 -22.55
CA TYR B 49 31.16 3.98 -21.57
C TYR B 49 32.41 4.12 -20.69
N SER B 50 33.12 3.02 -20.43
CA SER B 50 34.35 3.12 -19.63
C SER B 50 35.43 3.88 -20.41
N SER B 51 35.63 3.52 -21.68
CA SER B 51 36.56 4.25 -22.53
C SER B 51 36.14 5.71 -22.67
N ALA B 52 34.84 5.96 -22.75
CA ALA B 52 34.35 7.33 -22.84
C ALA B 52 34.69 8.12 -21.58
N ILE B 53 34.52 7.50 -20.40
CA ILE B 53 34.85 8.18 -19.15
C ILE B 53 36.34 8.49 -19.11
N ASP B 54 37.18 7.55 -19.54
CA ASP B 54 38.63 7.81 -19.55
C ASP B 54 38.99 8.95 -20.50
N LEU B 55 38.38 8.97 -21.69
CA LEU B 55 38.68 10.02 -22.65
C LEU B 55 38.15 11.37 -22.18
N TYR B 56 37.01 11.39 -21.49
CA TYR B 56 36.52 12.64 -20.92
C TYR B 56 37.43 13.13 -19.81
N THR B 57 37.95 12.20 -18.99
CA THR B 57 38.91 12.57 -17.96
C THR B 57 40.15 13.20 -18.57
N LYS B 58 40.64 12.63 -19.67
CA LYS B 58 41.77 13.24 -20.37
C LYS B 58 41.39 14.61 -20.94
N ALA B 59 40.16 14.75 -21.44
CA ALA B 59 39.69 16.05 -21.93
C ALA B 59 39.57 17.05 -20.78
N ILE B 60 39.05 16.61 -19.63
CA ILE B 60 38.90 17.51 -18.48
C ILE B 60 40.28 17.94 -17.97
N GLU B 61 41.25 17.03 -18.00
CA GLU B 61 42.60 17.37 -17.54
C GLU B 61 43.18 18.55 -18.33
N LEU B 62 42.92 18.60 -19.64
CA LEU B 62 43.44 19.66 -20.49
C LEU B 62 42.51 20.86 -20.57
N ASN B 63 41.36 20.82 -19.90
CA ASN B 63 40.43 21.95 -19.84
C ASN B 63 39.35 21.66 -18.81
N SER B 64 39.39 22.36 -17.68
CA SER B 64 38.48 22.11 -16.58
C SER B 64 37.42 23.19 -16.42
N ASN B 65 37.40 24.21 -17.27
CA ASN B 65 36.40 25.27 -17.21
C ASN B 65 35.34 25.13 -18.29
N ASN B 66 35.21 23.94 -18.88
CA ASN B 66 34.18 23.65 -19.88
C ASN B 66 33.18 22.72 -19.20
N ALA B 67 32.03 23.28 -18.82
CA ALA B 67 31.03 22.50 -18.11
C ALA B 67 30.45 21.37 -18.96
N VAL B 68 30.53 21.48 -20.28
CA VAL B 68 30.04 20.41 -21.14
C VAL B 68 30.84 19.14 -20.90
N TYR B 69 32.16 19.28 -20.65
CA TYR B 69 32.99 18.13 -20.39
C TYR B 69 32.56 17.41 -19.11
N TRP B 70 32.33 18.17 -18.04
CA TRP B 70 31.88 17.58 -16.79
C TRP B 70 30.51 16.93 -16.96
N ALA B 71 29.59 17.60 -17.65
CA ALA B 71 28.27 17.02 -17.88
C ALA B 71 28.35 15.74 -18.69
N ASN B 72 29.26 15.69 -19.67
CA ASN B 72 29.40 14.49 -20.48
C ASN B 72 29.95 13.33 -19.67
N ARG B 73 30.98 13.59 -18.85
CA ARG B 73 31.49 12.52 -18.02
C ARG B 73 30.46 12.07 -16.98
N ALA B 74 29.63 13.00 -16.49
CA ALA B 74 28.55 12.61 -15.59
C ALA B 74 27.56 11.70 -16.29
N PHE B 75 27.16 12.07 -17.52
CA PHE B 75 26.24 11.23 -18.29
C PHE B 75 26.81 9.84 -18.50
N ALA B 76 28.09 9.76 -18.87
CA ALA B 76 28.72 8.45 -19.06
C ALA B 76 28.76 7.66 -17.76
N HIS B 77 28.88 8.33 -16.62
CA HIS B 77 28.89 7.62 -15.35
C HIS B 77 27.52 7.01 -15.04
N THR B 78 26.44 7.78 -15.27
CA THR B 78 25.10 7.20 -15.05
C THR B 78 24.86 6.00 -15.95
N LYS B 79 25.44 5.99 -17.16
CA LYS B 79 25.27 4.86 -18.05
C LYS B 79 25.87 3.59 -17.47
N LEU B 80 26.93 3.71 -16.68
CA LEU B 80 27.52 2.57 -15.98
C LEU B 80 26.95 2.36 -14.58
N GLU B 81 25.85 3.05 -14.25
CA GLU B 81 25.22 3.02 -12.92
C GLU B 81 26.15 3.57 -11.84
N GLU B 82 27.12 4.39 -12.21
CA GLU B 82 28.04 5.01 -11.25
C GLU B 82 27.51 6.39 -10.85
N TYR B 83 26.45 6.35 -10.05
CA TYR B 83 25.66 7.56 -9.79
C TYR B 83 26.38 8.53 -8.86
N GLY B 84 27.22 8.04 -7.96
CA GLY B 84 27.98 8.95 -7.11
C GLY B 84 28.96 9.80 -7.92
N SER B 85 29.77 9.15 -8.75
CA SER B 85 30.66 9.87 -9.65
C SER B 85 29.87 10.78 -10.58
N ALA B 86 28.68 10.33 -11.00
CA ALA B 86 27.84 11.16 -11.85
C ALA B 86 27.41 12.44 -11.13
N ILE B 87 26.93 12.30 -9.89
CA ILE B 87 26.47 13.47 -9.14
C ILE B 87 27.63 14.43 -8.88
N GLN B 88 28.81 13.90 -8.56
CA GLN B 88 29.92 14.80 -8.31
C GLN B 88 30.38 15.50 -9.59
N ASP B 89 30.41 14.77 -10.72
CA ASP B 89 30.80 15.40 -11.98
C ASP B 89 29.80 16.48 -12.38
N ALA B 90 28.51 16.21 -12.24
CA ALA B 90 27.51 17.22 -12.59
C ALA B 90 27.55 18.40 -11.61
N SER B 91 27.91 18.15 -10.35
CA SER B 91 28.07 19.24 -9.39
C SER B 91 29.24 20.13 -9.78
N LYS B 92 30.35 19.52 -10.21
CA LYS B 92 31.46 20.33 -10.70
C LYS B 92 31.09 21.07 -11.98
N ALA B 93 30.24 20.48 -12.82
CA ALA B 93 29.72 21.21 -13.97
C ALA B 93 28.93 22.44 -13.53
N ILE B 94 28.10 22.29 -12.50
CA ILE B 94 27.33 23.42 -11.98
C ILE B 94 28.27 24.48 -11.39
N GLU B 95 29.36 24.03 -10.76
CA GLU B 95 30.36 24.96 -10.25
C GLU B 95 30.92 25.83 -11.37
N VAL B 96 31.12 25.24 -12.55
CA VAL B 96 31.68 25.99 -13.67
C VAL B 96 30.69 27.05 -14.15
N ASP B 97 29.42 26.66 -14.36
CA ASP B 97 28.39 27.57 -14.86
C ASP B 97 27.15 27.39 -13.99
N SER B 98 26.80 28.44 -13.24
CA SER B 98 25.66 28.37 -12.34
C SER B 98 24.34 28.21 -13.09
N ARG B 99 24.24 28.78 -14.29
CA ARG B 99 23.02 28.72 -15.08
C ARG B 99 23.07 27.66 -16.17
N TYR B 100 23.91 26.65 -16.01
CA TYR B 100 24.00 25.55 -16.97
C TYR B 100 22.97 24.51 -16.56
N SER B 101 21.79 24.57 -17.19
CA SER B 101 20.69 23.71 -16.76
C SER B 101 21.01 22.24 -16.98
N LYS B 102 21.87 21.92 -17.93
CA LYS B 102 22.19 20.52 -18.19
C LYS B 102 22.97 19.90 -17.03
N GLY B 103 23.71 20.69 -16.27
CA GLY B 103 24.36 20.16 -15.08
C GLY B 103 23.37 19.69 -14.02
N TYR B 104 22.42 20.56 -13.68
CA TYR B 104 21.36 20.15 -12.76
C TYR B 104 20.56 18.99 -13.34
N TYR B 105 20.32 18.99 -14.65
CA TYR B 105 19.58 17.91 -15.28
C TYR B 105 20.29 16.58 -15.10
N ARG B 106 21.60 16.54 -15.36
CA ARG B 106 22.35 15.30 -15.23
C ARG B 106 22.44 14.86 -13.78
N ARG B 107 22.65 15.80 -12.85
CA ARG B 107 22.73 15.42 -11.44
C ARG B 107 21.40 14.88 -10.95
N GLY B 108 20.29 15.52 -11.33
CA GLY B 108 18.98 15.05 -10.93
C GLY B 108 18.62 13.72 -11.56
N ALA B 109 19.06 13.49 -12.79
CA ALA B 109 18.86 12.19 -13.42
C ALA B 109 19.64 11.12 -12.68
N ALA B 110 20.86 11.44 -12.24
CA ALA B 110 21.62 10.49 -11.42
C ALA B 110 20.93 10.27 -10.08
N TYR B 111 20.45 11.34 -9.45
CA TYR B 111 19.69 11.21 -8.21
C TYR B 111 18.44 10.36 -8.43
N LEU B 112 17.67 10.70 -9.46
CA LEU B 112 16.47 9.94 -9.81
C LEU B 112 16.78 8.46 -10.02
N ALA B 113 17.93 8.17 -10.64
CA ALA B 113 18.26 6.78 -10.94
C ALA B 113 18.51 5.95 -9.70
N MET B 114 18.98 6.57 -8.62
CA MET B 114 19.22 5.86 -7.37
C MET B 114 18.15 6.13 -6.32
N GLY B 115 16.98 6.60 -6.74
CA GLY B 115 15.84 6.71 -5.85
C GLY B 115 15.76 7.97 -5.03
N LYS B 116 16.68 8.91 -5.20
CA LYS B 116 16.68 10.13 -4.39
C LYS B 116 15.79 11.17 -5.06
N PHE B 117 14.48 10.95 -4.90
CA PHE B 117 13.48 11.77 -5.59
C PHE B 117 13.44 13.20 -5.07
N LYS B 118 13.73 13.42 -3.78
CA LYS B 118 13.71 14.77 -3.26
C LYS B 118 14.87 15.60 -3.81
N ASP B 119 16.06 15.00 -3.87
CA ASP B 119 17.19 15.66 -4.52
C ASP B 119 16.91 15.91 -5.99
N ALA B 120 16.29 14.93 -6.66
CA ALA B 120 15.91 15.14 -8.05
C ALA B 120 14.94 16.32 -8.20
N LEU B 121 13.97 16.43 -7.28
CA LEU B 121 13.04 17.55 -7.33
C LEU B 121 13.77 18.87 -7.18
N LYS B 122 14.71 18.95 -6.24
CA LYS B 122 15.49 20.18 -6.08
C LYS B 122 16.19 20.56 -7.38
N ASP B 123 16.89 19.59 -7.98
CA ASP B 123 17.66 19.91 -9.18
C ASP B 123 16.76 20.25 -10.36
N PHE B 124 15.60 19.61 -10.48
CA PHE B 124 14.69 19.93 -11.57
C PHE B 124 13.91 21.22 -11.33
N GLN B 125 13.75 21.61 -10.07
CA GLN B 125 13.33 22.98 -9.76
C GLN B 125 14.34 23.97 -10.34
N GLN B 126 15.63 23.70 -10.11
CA GLN B 126 16.65 24.56 -10.71
C GLN B 126 16.57 24.53 -12.24
N VAL B 127 16.26 23.35 -12.82
CA VAL B 127 16.19 23.25 -14.28
C VAL B 127 15.09 24.13 -14.84
N LYS B 128 13.94 24.21 -14.17
CA LYS B 128 12.83 25.01 -14.70
C LYS B 128 13.14 26.49 -14.64
N ARG B 129 13.62 27.00 -13.50
CA ARG B 129 13.81 28.44 -13.36
C ARG B 129 14.83 28.97 -14.37
N LEU B 130 15.77 28.14 -14.81
CA LEU B 130 16.78 28.59 -15.76
C LEU B 130 16.20 28.76 -17.15
N SER B 131 15.73 27.67 -17.76
CA SER B 131 14.94 27.77 -18.97
C SER B 131 13.47 27.86 -18.55
N PRO B 132 12.92 29.07 -18.43
CA PRO B 132 11.65 29.23 -17.71
C PRO B 132 10.42 28.88 -18.52
N ASN B 133 10.50 28.87 -19.84
CA ASN B 133 9.36 28.54 -20.69
C ASN B 133 9.53 27.22 -21.41
N ASP B 134 10.53 26.43 -21.04
CA ASP B 134 10.76 25.17 -21.71
C ASP B 134 9.69 24.15 -21.31
N PRO B 135 8.92 23.63 -22.26
CA PRO B 135 7.86 22.67 -21.92
C PRO B 135 8.39 21.46 -21.19
N ASP B 136 9.53 20.91 -21.64
CA ASP B 136 10.06 19.72 -21.01
C ASP B 136 10.55 20.02 -19.60
N ALA B 137 11.05 21.23 -19.37
CA ALA B 137 11.45 21.62 -18.02
C ALA B 137 10.25 21.62 -17.08
N THR B 138 9.18 22.34 -17.46
CA THR B 138 7.99 22.36 -16.60
C THR B 138 7.40 20.97 -16.44
N ARG B 139 7.43 20.16 -17.49
CA ARG B 139 6.89 18.81 -17.45
C ARG B 139 7.64 17.93 -16.47
N LYS B 140 8.98 17.91 -16.56
CA LYS B 140 9.77 17.09 -15.64
C LYS B 140 9.65 17.59 -14.20
N LEU B 141 9.49 18.90 -14.00
CA LEU B 141 9.28 19.37 -12.63
C LEU B 141 7.95 18.85 -12.09
N LYS B 142 6.87 18.98 -12.88
CA LYS B 142 5.58 18.43 -12.44
C LYS B 142 5.67 16.92 -12.22
N GLU B 143 6.51 16.23 -13.00
CA GLU B 143 6.74 14.81 -12.79
C GLU B 143 7.37 14.55 -11.43
N CYS B 144 8.41 15.31 -11.07
CA CYS B 144 9.11 15.05 -9.81
C CYS B 144 8.26 15.42 -8.60
N GLU B 145 7.39 16.43 -8.73
CA GLU B 145 6.49 16.76 -7.64
C GLU B 145 5.53 15.61 -7.35
N LYS B 146 4.96 15.02 -8.41
CA LYS B 146 4.13 13.84 -8.26
C LYS B 146 4.89 12.69 -7.59
N ALA B 147 6.16 12.51 -7.97
CA ALA B 147 6.92 11.37 -7.46
C ALA B 147 7.24 11.52 -5.98
N VAL B 148 7.48 12.76 -5.53
CA VAL B 148 7.85 12.97 -4.14
C VAL B 148 6.64 12.81 -3.23
N MET B 149 5.45 13.15 -3.73
CA MET B 149 4.25 12.93 -2.93
C MET B 149 3.97 11.45 -2.77
N LYS B 150 4.12 10.70 -3.86
CA LYS B 150 4.07 9.24 -3.82
C LYS B 150 5.08 8.69 -2.82
N LEU B 151 6.32 9.19 -2.88
CA LEU B 151 7.35 8.76 -1.95
C LEU B 151 7.05 9.20 -0.53
N LYS B 152 6.42 10.36 -0.35
CA LYS B 152 6.04 10.79 1.00
C LYS B 152 5.06 9.81 1.63
N PHE B 153 4.02 9.41 0.88
CA PHE B 153 3.09 8.40 1.38
C PHE B 153 3.80 7.08 1.65
N GLU B 154 4.62 6.63 0.70
CA GLU B 154 5.34 5.36 0.85
C GLU B 154 6.19 5.37 2.12
N GLU B 155 6.84 6.50 2.40
CA GLU B 155 7.70 6.59 3.56
C GLU B 155 6.89 6.69 4.84
N ALA B 156 5.73 7.35 4.78
CA ALA B 156 4.89 7.43 5.96
C ALA B 156 4.38 6.05 6.36
N ILE B 157 4.09 5.18 5.38
CA ILE B 157 3.60 3.85 5.71
C ILE B 157 4.72 2.81 5.78
N SER B 158 5.98 3.22 5.60
CA SER B 158 7.10 2.30 5.75
C SER B 158 7.21 1.82 7.20
N VAL B 159 7.19 0.52 7.39
CA VAL B 159 7.38 -0.11 8.70
C VAL B 159 8.37 -1.27 8.53
N PRO B 160 9.34 -1.43 9.43
CA PRO B 160 10.26 -2.56 9.32
C PRO B 160 9.53 -3.89 9.16
N VAL B 161 10.05 -4.72 8.26
CA VAL B 161 9.38 -5.98 7.94
C VAL B 161 9.34 -6.92 9.14
N SER B 162 10.29 -6.78 10.07
CA SER B 162 10.33 -7.65 11.23
C SER B 162 9.27 -7.32 12.27
N GLU B 163 8.64 -6.14 12.17
CA GLU B 163 7.55 -5.76 13.06
C GLU B 163 6.18 -6.05 12.46
N ARG B 164 6.13 -6.67 11.28
CA ARG B 164 4.87 -6.95 10.61
CA ARG B 164 4.88 -6.95 10.59
C ARG B 164 4.63 -8.45 10.55
N ARG B 165 3.36 -8.83 10.66
CA ARG B 165 2.98 -10.22 10.47
C ARG B 165 3.31 -10.65 9.04
N SER B 166 3.81 -11.86 8.90
CA SER B 166 4.11 -12.40 7.59
C SER B 166 2.84 -12.57 6.75
N VAL B 167 3.01 -12.45 5.42
CA VAL B 167 1.90 -12.71 4.52
C VAL B 167 1.48 -14.17 4.60
N ALA B 168 2.44 -15.07 4.88
CA ALA B 168 2.11 -16.49 5.06
C ALA B 168 1.12 -16.70 6.19
N GLU B 169 1.08 -15.79 7.16
CA GLU B 169 0.17 -15.92 8.30
C GLU B 169 -1.29 -15.81 7.87
N SER B 170 -1.56 -15.11 6.77
CA SER B 170 -2.92 -14.83 6.34
C SER B 170 -3.27 -15.47 5.00
N ILE B 171 -2.40 -16.33 4.46
CA ILE B 171 -2.65 -16.99 3.19
C ILE B 171 -2.20 -18.44 3.30
N ASP B 172 -3.16 -19.36 3.23
CA ASP B 172 -2.88 -20.78 3.10
C ASP B 172 -3.11 -21.17 1.65
N PHE B 173 -2.09 -21.73 1.00
CA PHE B 173 -2.20 -21.97 -0.43
C PHE B 173 -3.17 -23.10 -0.77
N HIS B 174 -3.49 -23.98 0.19
CA HIS B 174 -4.49 -25.02 -0.07
C HIS B 174 -5.90 -24.44 -0.22
N THR B 175 -6.13 -23.21 0.26
CA THR B 175 -7.45 -22.60 0.19
C THR B 175 -7.75 -22.01 -1.20
N ILE B 176 -6.72 -21.80 -2.02
CA ILE B 176 -6.88 -21.15 -3.31
C ILE B 176 -7.45 -22.15 -4.31
N GLU B 177 -8.60 -21.84 -4.88
CA GLU B 177 -9.22 -22.67 -5.90
C GLU B 177 -8.55 -22.45 -7.25
N VAL B 178 -8.35 -23.53 -7.99
CA VAL B 178 -7.81 -23.47 -9.34
C VAL B 178 -8.93 -23.82 -10.30
N GLU B 179 -9.32 -22.87 -11.14
CA GLU B 179 -10.41 -23.09 -12.07
C GLU B 179 -10.02 -24.16 -13.09
N PRO B 180 -10.95 -25.02 -13.49
CA PRO B 180 -10.59 -26.12 -14.41
C PRO B 180 -10.08 -25.66 -15.76
N GLN B 181 -10.36 -24.42 -16.18
CA GLN B 181 -9.90 -23.93 -17.47
C GLN B 181 -8.45 -23.46 -17.45
N TYR B 182 -7.76 -23.59 -16.31
CA TYR B 182 -6.37 -23.18 -16.20
C TYR B 182 -5.49 -24.16 -16.96
N SER B 183 -4.71 -23.66 -17.92
CA SER B 183 -3.91 -24.49 -18.81
C SER B 183 -2.47 -24.67 -18.37
N GLY B 184 -1.99 -23.85 -17.42
CA GLY B 184 -0.60 -23.89 -17.03
C GLY B 184 -0.26 -25.10 -16.19
N ALA B 185 0.94 -25.06 -15.61
CA ALA B 185 1.43 -26.16 -14.82
C ALA B 185 0.75 -26.22 -13.45
N ARG B 186 0.61 -27.44 -12.93
CA ARG B 186 -0.07 -27.70 -11.67
C ARG B 186 0.84 -28.51 -10.74
N ILE B 187 0.91 -28.09 -9.48
CA ILE B 187 1.61 -28.85 -8.45
C ILE B 187 0.58 -29.73 -7.75
N GLU B 188 0.60 -31.02 -8.06
CA GLU B 188 -0.22 -31.99 -7.35
C GLU B 188 0.49 -32.38 -6.06
N GLY B 189 -0.20 -32.27 -4.94
CA GLY B 189 0.39 -32.62 -3.67
C GLY B 189 1.28 -31.52 -3.12
N GLU B 190 2.05 -31.89 -2.10
CA GLU B 190 2.89 -30.95 -1.39
C GLU B 190 4.27 -30.77 -2.01
N GLU B 191 4.72 -31.73 -2.84
CA GLU B 191 6.09 -31.76 -3.32
C GLU B 191 6.20 -31.06 -4.67
N VAL B 192 7.21 -30.19 -4.80
CA VAL B 192 7.55 -29.61 -6.09
C VAL B 192 8.46 -30.59 -6.82
N THR B 193 8.02 -31.02 -8.00
CA THR B 193 8.73 -32.05 -8.76
C THR B 193 9.36 -31.45 -10.01
N LEU B 194 10.37 -32.16 -10.53
CA LEU B 194 11.07 -31.70 -11.73
C LEU B 194 10.12 -31.62 -12.93
N ASP B 195 9.14 -32.51 -13.01
CA ASP B 195 8.16 -32.45 -14.09
C ASP B 195 7.43 -31.11 -14.08
N PHE B 196 7.04 -30.64 -12.89
CA PHE B 196 6.38 -29.34 -12.81
C PHE B 196 7.31 -28.20 -13.17
N VAL B 197 8.57 -28.27 -12.72
CA VAL B 197 9.53 -27.20 -13.00
C VAL B 197 9.79 -27.10 -14.50
N LYS B 198 9.90 -28.25 -15.17
CA LYS B 198 10.05 -28.26 -16.61
C LYS B 198 8.81 -27.69 -17.30
N THR B 199 7.62 -28.06 -16.82
CA THR B 199 6.40 -27.53 -17.41
C THR B 199 6.25 -26.04 -17.15
N MET B 200 6.59 -25.58 -15.93
CA MET B 200 6.49 -24.16 -15.61
C MET B 200 7.47 -23.35 -16.46
N MET B 201 8.70 -23.83 -16.60
CA MET B 201 9.69 -23.12 -17.40
C MET B 201 9.29 -23.08 -18.86
N GLU B 202 8.72 -24.16 -19.37
CA GLU B 202 8.27 -24.18 -20.76
C GLU B 202 7.10 -23.22 -20.95
N ASP B 203 6.20 -23.14 -19.96
CA ASP B 203 5.11 -22.17 -20.03
C ASP B 203 5.64 -20.74 -19.93
N PHE B 204 6.59 -20.51 -19.01
CA PHE B 204 7.22 -19.20 -18.93
C PHE B 204 7.93 -18.84 -20.25
N LYS B 205 8.54 -19.84 -20.89
CA LYS B 205 9.24 -19.58 -22.14
C LYS B 205 8.28 -19.06 -23.21
N ASN B 206 7.06 -19.57 -23.23
CA ASN B 206 6.05 -19.15 -24.19
C ASN B 206 5.19 -18.01 -23.67
N GLN B 207 5.68 -17.27 -22.67
CA GLN B 207 5.00 -16.11 -22.11
C GLN B 207 3.64 -16.47 -21.51
N LYS B 208 3.50 -17.71 -21.06
CA LYS B 208 2.32 -18.10 -20.29
C LYS B 208 2.53 -17.72 -18.83
N THR B 209 1.52 -17.98 -18.00
CA THR B 209 1.56 -17.57 -16.62
C THR B 209 1.34 -18.77 -15.71
N LEU B 210 1.83 -18.66 -14.48
CA LEU B 210 1.62 -19.67 -13.46
C LEU B 210 0.51 -19.20 -12.51
N HIS B 211 -0.31 -20.14 -12.06
CA HIS B 211 -1.43 -19.79 -11.20
C HIS B 211 -0.94 -19.29 -9.85
N LYS B 212 -1.77 -18.45 -9.22
CA LYS B 212 -1.38 -17.87 -7.93
C LYS B 212 -1.31 -18.92 -6.83
N ARG B 213 -2.14 -19.97 -6.89
CA ARG B 213 -2.02 -21.04 -5.90
C ARG B 213 -0.63 -21.64 -5.91
N TYR B 214 -0.13 -21.97 -7.09
CA TYR B 214 1.17 -22.61 -7.18
C TYR B 214 2.31 -21.62 -6.98
N ALA B 215 2.12 -20.37 -7.36
CA ALA B 215 3.11 -19.34 -7.02
C ALA B 215 3.23 -19.20 -5.50
N TYR B 216 2.10 -19.20 -4.80
CA TYR B 216 2.13 -19.12 -3.34
C TYR B 216 2.80 -20.36 -2.75
N GLN B 217 2.44 -21.55 -3.24
CA GLN B 217 3.12 -22.77 -2.84
C GLN B 217 4.63 -22.61 -2.94
N ILE B 218 5.11 -22.14 -4.08
CA ILE B 218 6.56 -22.03 -4.30
C ILE B 218 7.17 -21.03 -3.33
N VAL B 219 6.61 -19.82 -3.26
CA VAL B 219 7.24 -18.76 -2.48
C VAL B 219 7.16 -19.05 -0.99
N LEU B 220 6.03 -19.60 -0.52
CA LEU B 220 5.90 -19.89 0.91
C LEU B 220 6.81 -21.04 1.33
N GLN B 221 6.96 -22.06 0.47
CA GLN B 221 7.94 -23.11 0.76
C GLN B 221 9.35 -22.56 0.79
N THR B 222 9.66 -21.63 -0.12
CA THR B 222 10.97 -20.99 -0.11
C THR B 222 11.19 -20.19 1.16
N ARG B 223 10.15 -19.49 1.64
CA ARG B 223 10.27 -18.77 2.90
C ARG B 223 10.69 -19.70 4.03
N GLN B 224 10.12 -20.91 4.08
CA GLN B 224 10.51 -21.90 5.09
C GLN B 224 11.98 -22.25 4.96
N ILE B 225 12.43 -22.54 3.73
CA ILE B 225 13.80 -22.99 3.51
C ILE B 225 14.79 -21.91 3.91
N LEU B 226 14.53 -20.67 3.49
CA LEU B 226 15.52 -19.61 3.68
C LEU B 226 15.62 -19.21 5.15
N LEU B 227 14.49 -19.16 5.87
CA LEU B 227 14.50 -18.66 7.24
C LEU B 227 15.32 -19.54 8.17
N ALA B 228 15.54 -20.81 7.81
CA ALA B 228 16.32 -21.74 8.63
C ALA B 228 17.80 -21.73 8.30
N LEU B 229 18.23 -20.83 7.40
CA LEU B 229 19.62 -20.74 6.94
C LEU B 229 20.37 -19.66 7.69
N PRO B 230 21.65 -19.86 7.97
CA PRO B 230 22.46 -18.79 8.54
C PRO B 230 22.72 -17.70 7.51
N SER B 231 23.25 -16.57 7.98
CA SER B 231 23.56 -15.47 7.08
C SER B 231 24.72 -15.78 6.15
N LEU B 232 25.55 -16.75 6.50
CA LEU B 232 26.60 -17.25 5.62
C LEU B 232 26.46 -18.77 5.55
N VAL B 233 26.25 -19.27 4.34
CA VAL B 233 25.98 -20.69 4.12
C VAL B 233 27.27 -21.35 3.65
N ASP B 234 27.68 -22.42 4.34
CA ASP B 234 28.81 -23.22 3.90
C ASP B 234 28.31 -24.26 2.90
N ILE B 235 28.75 -24.15 1.65
CA ILE B 235 28.42 -25.11 0.60
C ILE B 235 29.55 -26.12 0.49
N SER B 236 29.21 -27.40 0.60
CA SER B 236 30.19 -28.48 0.55
C SER B 236 30.07 -29.21 -0.77
N VAL B 237 31.13 -29.16 -1.57
CA VAL B 237 31.22 -29.92 -2.81
C VAL B 237 32.18 -31.09 -2.56
N PRO B 238 31.69 -32.31 -2.42
CA PRO B 238 32.59 -33.44 -2.11
C PRO B 238 33.51 -33.74 -3.28
N HIS B 239 34.46 -34.63 -3.01
CA HIS B 239 35.46 -35.00 -4.00
C HIS B 239 34.81 -35.50 -5.29
N GLY B 240 35.19 -34.90 -6.42
CA GLY B 240 34.72 -35.32 -7.72
C GLY B 240 33.49 -34.60 -8.22
N LYS B 241 32.79 -33.86 -7.37
CA LYS B 241 31.59 -33.16 -7.78
C LYS B 241 31.94 -31.71 -8.11
N HIS B 242 30.95 -30.96 -8.60
CA HIS B 242 31.15 -29.60 -9.07
C HIS B 242 29.98 -28.73 -8.67
N ILE B 243 30.09 -27.44 -8.99
CA ILE B 243 29.04 -26.46 -8.74
C ILE B 243 29.29 -25.28 -9.68
N THR B 244 28.21 -24.60 -10.07
CA THR B 244 28.28 -23.47 -10.99
C THR B 244 27.84 -22.19 -10.28
N VAL B 245 28.73 -21.20 -10.28
CA VAL B 245 28.44 -19.89 -9.68
C VAL B 245 28.01 -18.94 -10.79
N CYS B 246 26.84 -18.33 -10.63
CA CYS B 246 26.30 -17.41 -11.61
C CYS B 246 26.19 -16.01 -11.00
N GLY B 247 26.26 -15.01 -11.87
CA GLY B 247 26.20 -13.63 -11.45
C GLY B 247 24.81 -13.03 -11.64
N ASP B 248 24.77 -11.72 -11.79
CA ASP B 248 23.52 -11.01 -12.01
C ASP B 248 22.81 -11.56 -13.23
N VAL B 249 21.50 -11.75 -13.11
CA VAL B 249 20.66 -12.09 -14.26
C VAL B 249 19.57 -11.05 -14.52
N HIS B 250 19.23 -10.22 -13.54
CA HIS B 250 18.36 -9.05 -13.69
C HIS B 250 17.20 -9.31 -14.66
N GLY B 251 16.42 -10.34 -14.35
CA GLY B 251 15.18 -10.58 -15.08
C GLY B 251 15.32 -11.05 -16.52
N GLN B 252 16.53 -11.36 -16.99
CA GLN B 252 16.70 -11.86 -18.35
C GLN B 252 16.47 -13.37 -18.36
N PHE B 253 15.19 -13.73 -18.40
CA PHE B 253 14.80 -15.14 -18.25
C PHE B 253 15.33 -16.00 -19.38
N TYR B 254 15.30 -15.48 -20.61
CA TYR B 254 15.67 -16.32 -21.74
C TYR B 254 17.17 -16.55 -21.80
N ASP B 255 17.95 -15.64 -21.25
CA ASP B 255 19.37 -15.91 -21.07
C ASP B 255 19.59 -16.88 -19.91
N LEU B 256 18.72 -16.87 -18.91
CA LEU B 256 18.75 -17.92 -17.89
C LEU B 256 18.48 -19.29 -18.51
N LEU B 257 17.49 -19.38 -19.40
CA LEU B 257 17.25 -20.63 -20.12
C LEU B 257 18.45 -21.03 -20.94
N ASN B 258 19.13 -20.04 -21.54
CA ASN B 258 20.33 -20.34 -22.31
C ASN B 258 21.41 -20.94 -21.41
N ILE B 259 21.60 -20.38 -20.21
CA ILE B 259 22.56 -20.93 -19.27
C ILE B 259 22.24 -22.39 -18.98
N PHE B 260 20.97 -22.68 -18.70
CA PHE B 260 20.56 -24.03 -18.35
C PHE B 260 20.74 -24.98 -19.53
N GLU B 261 20.51 -24.50 -20.75
CA GLU B 261 20.72 -25.35 -21.92
C GLU B 261 22.19 -25.63 -22.14
N LEU B 262 23.06 -24.68 -21.81
CA LEU B 262 24.49 -24.86 -22.01
C LEU B 262 25.15 -25.63 -20.87
N ASN B 263 24.52 -25.69 -19.70
CA ASN B 263 25.19 -26.21 -18.52
C ASN B 263 24.35 -27.22 -17.74
N GLY B 264 23.11 -27.44 -18.15
CA GLY B 264 22.32 -28.41 -17.41
C GLY B 264 21.47 -27.76 -16.32
N LEU B 265 20.28 -28.31 -16.14
CA LEU B 265 19.37 -27.80 -15.13
C LEU B 265 19.99 -27.99 -13.75
N PRO B 266 19.57 -27.18 -12.78
CA PRO B 266 20.00 -27.39 -11.39
C PRO B 266 19.53 -28.76 -10.91
N SER B 267 20.45 -29.49 -10.30
CA SER B 267 20.14 -30.79 -9.73
C SER B 267 21.09 -31.04 -8.58
N GLU B 268 20.81 -32.09 -7.81
CA GLU B 268 21.73 -32.50 -6.75
C GLU B 268 23.13 -32.77 -7.31
N GLU B 269 23.19 -33.29 -8.53
CA GLU B 269 24.46 -33.59 -9.17
C GLU B 269 25.07 -32.39 -9.88
N ASN B 270 24.26 -31.39 -10.22
CA ASN B 270 24.72 -30.19 -10.93
C ASN B 270 24.15 -28.96 -10.23
N PRO B 271 24.68 -28.61 -9.06
CA PRO B 271 24.12 -27.49 -8.29
C PRO B 271 24.52 -26.14 -8.86
N TYR B 272 23.78 -25.12 -8.43
CA TYR B 272 24.01 -23.74 -8.86
C TYR B 272 24.07 -22.83 -7.65
N LEU B 273 24.93 -21.81 -7.74
CA LEU B 273 24.93 -20.68 -6.82
C LEU B 273 24.60 -19.46 -7.66
N PHE B 274 23.52 -18.77 -7.31
CA PHE B 274 23.11 -17.56 -8.00
C PHE B 274 23.40 -16.39 -7.07
N ASN B 275 24.35 -15.55 -7.47
CA ASN B 275 24.95 -14.55 -6.58
C ASN B 275 24.12 -13.26 -6.59
N GLY B 276 22.85 -13.39 -6.27
CA GLY B 276 21.98 -12.24 -6.11
C GLY B 276 21.60 -11.55 -7.41
N ASP B 277 20.83 -10.49 -7.26
CA ASP B 277 20.36 -9.65 -8.36
C ASP B 277 19.67 -10.48 -9.43
N PHE B 278 18.63 -11.21 -9.00
CA PHE B 278 17.87 -12.01 -9.95
C PHE B 278 16.82 -11.19 -10.67
N VAL B 279 16.33 -10.12 -10.06
CA VAL B 279 15.19 -9.41 -10.59
C VAL B 279 15.56 -7.96 -10.92
N ASP B 280 14.55 -7.16 -11.24
CA ASP B 280 14.70 -5.74 -11.61
C ASP B 280 15.41 -5.59 -12.94
N ARG B 281 15.30 -4.40 -13.54
CA ARG B 281 16.03 -4.02 -14.75
C ARG B 281 15.54 -4.78 -15.98
N GLY B 282 15.57 -6.12 -15.94
CA GLY B 282 14.99 -6.92 -17.00
C GLY B 282 13.51 -7.16 -16.80
N SER B 283 12.82 -7.46 -17.90
CA SER B 283 11.37 -7.47 -17.90
C SER B 283 10.77 -8.88 -17.81
N PHE B 284 11.57 -9.87 -17.42
CA PHE B 284 11.08 -11.22 -17.15
C PHE B 284 11.54 -11.68 -15.77
N SER B 285 11.40 -10.80 -14.78
CA SER B 285 11.93 -11.08 -13.45
C SER B 285 11.07 -12.07 -12.68
N VAL B 286 9.74 -12.04 -12.88
CA VAL B 286 8.87 -13.00 -12.18
C VAL B 286 9.20 -14.42 -12.61
N GLU B 287 9.43 -14.62 -13.91
CA GLU B 287 9.72 -15.96 -14.39
C GLU B 287 11.04 -16.48 -13.84
N ILE B 288 12.04 -15.62 -13.68
CA ILE B 288 13.31 -16.06 -13.11
C ILE B 288 13.12 -16.45 -11.64
N ILE B 289 12.51 -15.56 -10.85
CA ILE B 289 12.44 -15.82 -9.41
C ILE B 289 11.54 -17.01 -9.12
N LEU B 290 10.52 -17.25 -9.92
CA LEU B 290 9.68 -18.43 -9.72
C LEU B 290 10.40 -19.70 -10.16
N THR B 291 11.24 -19.61 -11.19
CA THR B 291 12.03 -20.76 -11.61
C THR B 291 13.11 -21.08 -10.58
N LEU B 292 13.84 -20.06 -10.13
CA LEU B 292 14.90 -20.28 -9.15
C LEU B 292 14.32 -20.76 -7.82
N PHE B 293 13.21 -20.17 -7.39
CA PHE B 293 12.59 -20.59 -6.14
C PHE B 293 12.05 -22.02 -6.24
N ALA B 294 11.50 -22.38 -7.39
CA ALA B 294 10.94 -23.73 -7.54
C ALA B 294 12.05 -24.78 -7.49
N PHE B 295 13.19 -24.50 -8.12
CA PHE B 295 14.31 -25.42 -8.05
C PHE B 295 14.77 -25.61 -6.61
N LYS B 296 14.72 -24.54 -5.81
CA LYS B 296 15.05 -24.67 -4.40
C LYS B 296 14.01 -25.52 -3.67
N CYS B 297 12.74 -25.38 -4.03
CA CYS B 297 11.70 -26.17 -3.40
C CYS B 297 11.85 -27.65 -3.75
N MET B 298 12.14 -27.95 -5.00
CA MET B 298 12.31 -29.32 -5.45
C MET B 298 13.44 -30.00 -4.72
N CYS B 299 14.67 -29.53 -4.91
CA CYS B 299 15.84 -30.07 -4.21
C CYS B 299 16.65 -28.91 -3.66
N PRO B 300 16.56 -28.64 -2.36
CA PRO B 300 17.29 -27.47 -1.81
C PRO B 300 18.78 -27.49 -2.10
N SER B 301 19.41 -28.66 -2.11
CA SER B 301 20.85 -28.77 -2.39
C SER B 301 21.18 -28.56 -3.86
N SER B 302 20.18 -28.36 -4.72
CA SER B 302 20.42 -28.17 -6.15
C SER B 302 20.66 -26.71 -6.52
N ILE B 303 20.33 -25.77 -5.66
CA ILE B 303 20.50 -24.35 -5.98
C ILE B 303 20.70 -23.56 -4.68
N TYR B 304 21.57 -22.55 -4.75
CA TYR B 304 21.83 -21.66 -3.63
C TYR B 304 21.69 -20.23 -4.10
N LEU B 305 20.92 -19.44 -3.36
CA LEU B 305 20.57 -18.08 -3.74
C LEU B 305 21.14 -17.10 -2.73
N ALA B 306 22.16 -16.36 -3.13
CA ALA B 306 22.67 -15.25 -2.33
C ALA B 306 21.82 -14.01 -2.57
N ARG B 307 21.91 -13.06 -1.66
CA ARG B 307 21.18 -11.81 -1.81
C ARG B 307 22.01 -10.80 -2.58
N GLY B 308 21.34 -10.04 -3.46
CA GLY B 308 21.93 -8.90 -4.11
C GLY B 308 21.32 -7.60 -3.60
N ASN B 309 21.82 -6.49 -4.15
CA ASN B 309 21.25 -5.21 -3.79
C ASN B 309 19.87 -5.00 -4.38
N HIS B 310 19.55 -5.70 -5.47
CA HIS B 310 18.26 -5.55 -6.13
C HIS B 310 17.21 -6.51 -5.60
N GLU B 311 17.52 -7.26 -4.55
CA GLU B 311 16.49 -7.98 -3.77
C GLU B 311 16.11 -7.14 -2.55
N SER B 312 15.55 -5.98 -2.84
CA SER B 312 15.29 -4.95 -1.83
C SER B 312 14.08 -4.13 -2.22
N LYS B 313 13.21 -3.85 -1.24
CA LYS B 313 12.06 -2.99 -1.51
C LYS B 313 12.50 -1.65 -2.08
N SER B 314 13.62 -1.12 -1.61
CA SER B 314 14.12 0.15 -2.12
C SER B 314 14.36 0.11 -3.64
N MET B 315 14.91 -1.00 -4.13
CA MET B 315 15.20 -1.14 -5.56
C MET B 315 14.00 -1.63 -6.36
N ASN B 316 13.31 -2.67 -5.87
CA ASN B 316 12.24 -3.29 -6.63
C ASN B 316 11.07 -2.34 -6.87
N LYS B 317 10.86 -1.40 -5.95
CA LYS B 317 9.74 -0.48 -6.07
C LYS B 317 9.88 0.39 -7.32
N ILE B 318 11.11 0.61 -7.79
CA ILE B 318 11.36 1.53 -8.89
C ILE B 318 11.98 0.87 -10.11
N TYR B 319 12.49 -0.36 -10.02
CA TYR B 319 13.28 -0.92 -11.10
C TYR B 319 12.63 -2.12 -11.78
N GLY B 320 11.35 -2.39 -11.53
CA GLY B 320 10.62 -3.31 -12.37
C GLY B 320 9.99 -4.53 -11.72
N PHE B 321 10.64 -5.12 -10.72
CA PHE B 321 10.12 -6.36 -10.15
C PHE B 321 8.78 -6.14 -9.47
N GLU B 322 8.66 -5.06 -8.69
CA GLU B 322 7.40 -4.81 -7.99
C GLU B 322 6.27 -4.55 -8.98
N GLY B 323 6.55 -3.77 -10.03
CA GLY B 323 5.56 -3.59 -11.08
C GLY B 323 5.29 -4.87 -11.86
N GLU B 324 6.33 -5.70 -12.05
CA GLU B 324 6.12 -7.00 -12.68
C GLU B 324 5.23 -7.89 -11.82
N VAL B 325 5.42 -7.86 -10.49
CA VAL B 325 4.62 -8.70 -9.61
C VAL B 325 3.17 -8.26 -9.61
N ARG B 326 2.92 -6.95 -9.53
CA ARG B 326 1.55 -6.45 -9.50
C ARG B 326 0.82 -6.75 -10.81
N SER B 327 1.55 -6.88 -11.91
CA SER B 327 0.94 -7.14 -13.20
C SER B 327 0.60 -8.62 -13.38
N LYS B 328 1.57 -9.49 -13.11
CA LYS B 328 1.42 -10.92 -13.37
C LYS B 328 0.85 -11.69 -12.19
N LEU B 329 1.15 -11.27 -10.97
CA LEU B 329 0.67 -11.92 -9.75
C LEU B 329 -0.39 -11.02 -9.11
N SER B 330 -0.37 -10.80 -7.80
CA SER B 330 -1.27 -9.85 -7.16
C SER B 330 -0.49 -8.91 -6.26
N GLU B 331 -1.19 -8.12 -5.44
CA GLU B 331 -0.53 -7.15 -4.58
C GLU B 331 0.07 -7.78 -3.32
N LYS B 332 -0.45 -8.92 -2.88
CA LYS B 332 0.09 -9.55 -1.67
C LYS B 332 1.44 -10.21 -1.91
N PHE B 333 1.71 -10.62 -3.16
CA PHE B 333 3.02 -11.17 -3.50
C PHE B 333 4.12 -10.13 -3.35
N VAL B 334 3.79 -8.85 -3.41
CA VAL B 334 4.79 -7.80 -3.23
C VAL B 334 5.41 -7.90 -1.84
N ASP B 335 4.57 -7.90 -0.80
CA ASP B 335 5.06 -8.00 0.57
C ASP B 335 5.66 -9.38 0.83
N LEU B 336 5.07 -10.42 0.26
CA LEU B 336 5.61 -11.77 0.44
C LEU B 336 7.01 -11.89 -0.15
N PHE B 337 7.19 -11.41 -1.38
CA PHE B 337 8.50 -11.46 -2.01
C PHE B 337 9.52 -10.64 -1.22
N ALA B 338 9.10 -9.49 -0.68
CA ALA B 338 10.00 -8.67 0.12
C ALA B 338 10.44 -9.41 1.38
N GLU B 339 9.49 -10.04 2.08
CA GLU B 339 9.83 -10.80 3.27
C GLU B 339 10.75 -11.96 2.96
N VAL B 340 10.49 -12.67 1.86
CA VAL B 340 11.33 -13.81 1.48
C VAL B 340 12.72 -13.33 1.09
N PHE B 341 12.80 -12.18 0.41
CA PHE B 341 14.10 -11.61 0.06
C PHE B 341 14.89 -11.24 1.30
N CYS B 342 14.21 -10.74 2.34
CA CYS B 342 14.90 -10.44 3.59
C CYS B 342 15.48 -11.67 4.25
N TYR B 343 14.97 -12.87 3.93
CA TYR B 343 15.50 -14.11 4.48
C TYR B 343 16.62 -14.70 3.65
N LEU B 344 16.92 -14.14 2.48
CA LEU B 344 17.97 -14.70 1.64
C LEU B 344 19.31 -14.59 2.36
N PRO B 345 20.16 -15.62 2.28
CA PRO B 345 21.50 -15.52 2.90
C PRO B 345 22.32 -14.44 2.21
N LEU B 346 23.32 -13.94 2.93
CA LEU B 346 24.13 -12.83 2.46
C LEU B 346 25.43 -13.27 1.80
N ALA B 347 25.90 -14.48 2.07
CA ALA B 347 27.18 -14.93 1.54
C ALA B 347 27.22 -16.45 1.58
N HIS B 348 28.19 -16.99 0.85
CA HIS B 348 28.47 -18.43 0.82
C HIS B 348 29.96 -18.66 0.84
N VAL B 349 30.36 -19.81 1.34
CA VAL B 349 31.75 -20.25 1.30
C VAL B 349 31.75 -21.69 0.80
N ILE B 350 32.46 -21.93 -0.30
CA ILE B 350 32.49 -23.25 -0.93
C ILE B 350 33.78 -23.94 -0.49
N ASN B 351 33.63 -25.12 0.11
CA ASN B 351 34.73 -25.96 0.60
C ASN B 351 35.67 -25.19 1.52
N GLY B 352 35.13 -24.21 2.25
CA GLY B 352 35.96 -23.40 3.12
C GLY B 352 37.07 -22.66 2.43
N LYS B 353 37.00 -22.52 1.12
CA LYS B 353 38.08 -21.95 0.33
C LYS B 353 37.62 -20.80 -0.56
N VAL B 354 36.46 -20.91 -1.18
CA VAL B 354 35.98 -19.92 -2.13
C VAL B 354 34.89 -19.08 -1.46
N PHE B 355 35.10 -17.78 -1.40
CA PHE B 355 34.18 -16.84 -0.75
C PHE B 355 33.35 -16.12 -1.81
N VAL B 356 32.03 -16.18 -1.66
CA VAL B 356 31.10 -15.67 -2.67
C VAL B 356 30.14 -14.68 -1.99
N VAL B 357 30.37 -13.38 -2.22
CA VAL B 357 29.40 -12.34 -1.90
C VAL B 357 28.91 -11.73 -3.21
N HIS B 358 27.91 -10.87 -3.10
CA HIS B 358 27.44 -10.17 -4.29
C HIS B 358 28.21 -8.87 -4.52
N GLY B 359 28.28 -8.01 -3.51
CA GLY B 359 28.94 -6.74 -3.67
C GLY B 359 30.44 -6.81 -3.46
N GLY B 360 30.87 -6.98 -2.21
CA GLY B 360 32.29 -7.03 -1.92
C GLY B 360 32.61 -7.02 -0.43
N LEU B 361 33.64 -6.29 -0.05
CA LEU B 361 34.12 -6.27 1.33
C LEU B 361 33.74 -4.97 2.02
N PHE B 362 34.33 -4.73 3.19
CA PHE B 362 33.82 -3.76 4.14
C PHE B 362 34.83 -2.63 4.33
N SER B 363 34.36 -1.57 5.00
CA SER B 363 35.18 -0.42 5.32
C SER B 363 36.08 -0.65 6.53
N VAL B 364 35.82 -1.69 7.30
CA VAL B 364 36.61 -2.00 8.49
C VAL B 364 37.31 -3.34 8.27
N ASP B 365 38.43 -3.53 8.98
CA ASP B 365 39.23 -4.73 8.86
C ASP B 365 38.89 -5.71 10.00
N GLY B 366 39.35 -6.95 9.83
CA GLY B 366 39.17 -7.95 10.86
C GLY B 366 37.81 -8.59 10.92
N VAL B 367 37.04 -8.53 9.84
CA VAL B 367 35.72 -9.15 9.81
C VAL B 367 35.88 -10.62 9.45
N LYS B 368 35.50 -11.50 10.37
CA LYS B 368 35.59 -12.94 10.19
C LYS B 368 34.28 -13.51 9.66
N LEU B 369 34.34 -14.77 9.24
CA LEU B 369 33.14 -15.44 8.72
C LEU B 369 32.06 -15.55 9.79
N SER B 370 32.45 -15.70 11.06
CA SER B 370 31.47 -15.74 12.14
C SER B 370 30.69 -14.43 12.23
N ASP B 371 31.36 -13.31 11.96
CA ASP B 371 30.69 -12.01 11.96
C ASP B 371 29.62 -11.95 10.87
N ILE B 372 29.93 -12.47 9.68
CA ILE B 372 28.95 -12.49 8.61
C ILE B 372 27.84 -13.48 8.91
N ARG B 373 28.20 -14.64 9.47
CA ARG B 373 27.22 -15.67 9.78
C ARG B 373 26.18 -15.19 10.79
N ALA B 374 26.58 -14.30 11.70
CA ALA B 374 25.73 -13.88 12.80
C ALA B 374 24.88 -12.66 12.48
N ILE B 375 24.92 -12.17 11.24
CA ILE B 375 24.21 -10.95 10.89
C ILE B 375 22.71 -11.18 11.00
N ASP B 376 22.01 -10.24 11.64
CA ASP B 376 20.55 -10.26 11.70
C ASP B 376 20.02 -9.68 10.39
N ARG B 377 19.99 -10.53 9.37
CA ARG B 377 19.71 -10.10 8.01
C ARG B 377 18.23 -9.84 7.73
N PHE B 378 17.33 -10.17 8.65
CA PHE B 378 15.89 -10.07 8.39
C PHE B 378 15.44 -8.61 8.51
N CYS B 379 15.83 -7.82 7.51
CA CYS B 379 15.39 -6.45 7.34
C CYS B 379 15.83 -5.98 5.96
N GLU B 380 15.33 -4.82 5.56
CA GLU B 380 15.83 -4.18 4.37
C GLU B 380 17.25 -3.68 4.62
N PRO B 381 18.13 -3.72 3.63
CA PRO B 381 19.55 -3.34 3.84
C PRO B 381 19.66 -1.92 4.36
N PRO B 382 20.33 -1.73 5.50
CA PRO B 382 20.44 -0.38 6.08
C PRO B 382 21.38 0.50 5.27
N GLU B 383 21.55 1.75 5.69
CA GLU B 383 22.48 2.67 5.06
C GLU B 383 23.90 2.57 5.61
N GLU B 384 24.09 1.78 6.65
CA GLU B 384 25.40 1.60 7.27
C GLU B 384 25.53 0.14 7.70
N GLY B 385 26.77 -0.32 7.81
CA GLY B 385 27.06 -1.61 8.41
C GLY B 385 27.55 -2.63 7.41
N LEU B 386 27.74 -3.85 7.94
CA LEU B 386 28.31 -4.93 7.14
C LEU B 386 27.39 -5.32 6.00
N MET B 387 26.08 -5.37 6.28
CA MET B 387 25.12 -5.82 5.27
C MET B 387 25.12 -4.91 4.05
N CYS B 388 24.96 -3.61 4.26
CA CYS B 388 24.94 -2.67 3.15
C CYS B 388 26.22 -2.75 2.33
N GLU B 389 27.36 -2.90 3.00
CA GLU B 389 28.65 -2.82 2.32
C GLU B 389 28.95 -4.09 1.52
N LEU B 390 28.65 -5.27 2.06
CA LEU B 390 28.89 -6.48 1.29
C LEU B 390 27.90 -6.65 0.15
N LEU B 391 26.82 -5.87 0.13
CA LEU B 391 25.83 -5.91 -0.93
C LEU B 391 26.06 -4.86 -2.00
N TRP B 392 26.88 -3.84 -1.73
CA TRP B 392 27.00 -2.69 -2.61
C TRP B 392 28.44 -2.36 -3.03
N SER B 393 29.45 -2.99 -2.44
CA SER B 393 30.83 -2.58 -2.66
C SER B 393 31.32 -2.97 -4.05
N ASP B 394 32.35 -2.26 -4.51
CA ASP B 394 33.05 -2.55 -5.75
C ASP B 394 34.55 -2.52 -5.52
N PRO B 395 35.31 -3.37 -6.19
CA PRO B 395 36.76 -3.35 -6.04
C PRO B 395 37.40 -2.27 -6.90
N GLN B 396 38.50 -1.72 -6.38
CA GLN B 396 39.29 -0.74 -7.08
C GLN B 396 40.70 -1.27 -7.35
N PRO B 397 41.35 -0.83 -8.42
CA PRO B 397 42.68 -1.37 -8.72
C PRO B 397 43.75 -0.91 -7.74
N LEU B 398 43.67 0.32 -7.25
CA LEU B 398 44.71 0.80 -6.34
C LEU B 398 44.47 0.26 -4.93
N PRO B 399 45.54 -0.07 -4.21
CA PRO B 399 45.39 -0.48 -2.80
C PRO B 399 44.65 0.56 -1.96
N GLY B 400 44.10 0.12 -0.84
CA GLY B 400 43.39 1.01 0.06
C GLY B 400 41.88 0.95 -0.09
N ARG B 401 41.23 1.98 0.45
CA ARG B 401 39.79 2.14 0.35
C ARG B 401 39.47 3.50 -0.26
N GLY B 402 38.22 3.68 -0.67
CA GLY B 402 37.81 4.92 -1.29
C GLY B 402 36.30 5.04 -1.39
N PRO B 403 35.82 6.24 -1.75
CA PRO B 403 34.37 6.44 -1.89
C PRO B 403 33.79 5.61 -3.04
N SER B 404 32.56 5.15 -2.84
CA SER B 404 31.88 4.36 -3.86
C SER B 404 31.49 5.22 -5.05
N LYS B 405 31.75 4.69 -6.25
CA LYS B 405 31.28 5.35 -7.47
C LYS B 405 29.77 5.39 -7.54
N ARG B 406 29.08 4.48 -6.84
CA ARG B 406 27.63 4.41 -6.82
C ARG B 406 27.00 5.30 -5.76
N GLY B 407 27.81 5.96 -4.93
CA GLY B 407 27.29 6.68 -3.79
C GLY B 407 26.82 5.82 -2.65
N VAL B 408 26.80 4.50 -2.83
CA VAL B 408 26.40 3.54 -1.80
C VAL B 408 27.52 2.53 -1.63
N GLY B 409 27.99 2.36 -0.39
CA GLY B 409 29.07 1.44 -0.12
C GLY B 409 30.44 2.08 -0.19
N LEU B 410 31.40 1.38 -0.81
CA LEU B 410 32.78 1.83 -0.81
C LEU B 410 33.55 1.08 -1.88
N SER B 411 34.76 1.54 -2.14
CA SER B 411 35.71 0.88 -3.04
C SER B 411 36.87 0.33 -2.23
N PHE B 412 37.20 -0.93 -2.45
CA PHE B 412 38.23 -1.64 -1.70
C PHE B 412 39.28 -2.19 -2.65
N GLY B 413 40.55 -2.10 -2.24
CA GLY B 413 41.65 -2.49 -3.09
C GLY B 413 42.06 -3.94 -2.89
N GLY B 414 43.15 -4.31 -3.56
CA GLY B 414 43.64 -5.67 -3.48
C GLY B 414 44.20 -6.04 -2.12
N ASP B 415 44.67 -5.04 -1.36
CA ASP B 415 45.11 -5.32 0.00
C ASP B 415 43.93 -5.67 0.90
N VAL B 416 42.80 -5.01 0.70
CA VAL B 416 41.60 -5.35 1.45
C VAL B 416 41.18 -6.78 1.15
N THR B 417 41.21 -7.17 -0.12
CA THR B 417 40.88 -8.54 -0.48
C THR B 417 41.87 -9.52 0.14
N LYS B 418 43.17 -9.22 0.01
CA LYS B 418 44.18 -10.14 0.52
C LYS B 418 44.10 -10.28 2.03
N ARG B 419 43.92 -9.18 2.75
CA ARG B 419 43.81 -9.25 4.21
C ARG B 419 42.60 -10.08 4.63
N PHE B 420 41.45 -9.83 4.02
CA PHE B 420 40.25 -10.61 4.35
C PHE B 420 40.45 -12.08 4.04
N LEU B 421 41.17 -12.39 2.97
CA LEU B 421 41.34 -13.79 2.57
C LEU B 421 42.28 -14.53 3.52
N GLN B 422 43.43 -13.94 3.83
CA GLN B 422 44.35 -14.58 4.77
C GLN B 422 43.75 -14.64 6.17
N ASP B 423 43.03 -13.58 6.56
CA ASP B 423 42.40 -13.52 7.87
C ASP B 423 41.38 -14.66 8.05
N ASN B 424 40.80 -15.13 6.96
CA ASN B 424 39.73 -16.12 7.02
C ASN B 424 40.14 -17.47 6.44
N ASN B 425 41.43 -17.67 6.16
CA ASN B 425 41.94 -18.91 5.57
C ASN B 425 41.21 -19.26 4.28
N LEU B 426 40.93 -18.24 3.48
CA LEU B 426 40.23 -18.40 2.21
C LEU B 426 41.22 -18.26 1.05
N ASP B 427 40.87 -18.87 -0.08
CA ASP B 427 41.72 -18.85 -1.27
C ASP B 427 41.29 -17.82 -2.30
N LEU B 428 40.00 -17.54 -2.41
CA LEU B 428 39.52 -16.74 -3.51
C LEU B 428 38.25 -16.00 -3.09
N LEU B 429 38.03 -14.85 -3.69
CA LEU B 429 36.80 -14.09 -3.54
C LEU B 429 36.12 -14.01 -4.90
N VAL B 430 34.87 -14.45 -4.97
CA VAL B 430 34.07 -14.37 -6.18
C VAL B 430 32.89 -13.46 -5.88
N ARG B 431 32.59 -12.56 -6.81
CA ARG B 431 31.54 -11.56 -6.60
C ARG B 431 30.96 -11.17 -7.95
N SER B 432 29.89 -10.36 -7.89
CA SER B 432 29.17 -9.94 -9.09
C SER B 432 28.92 -8.44 -9.07
N HIS B 433 27.65 -8.05 -9.11
CA HIS B 433 27.20 -6.69 -8.81
C HIS B 433 27.59 -5.66 -9.88
N GLU B 434 28.65 -5.92 -10.64
CA GLU B 434 29.18 -5.00 -11.63
C GLU B 434 29.16 -5.64 -13.01
N VAL B 435 28.70 -4.88 -14.01
CA VAL B 435 28.67 -5.39 -15.38
C VAL B 435 30.11 -5.46 -15.90
N LYS B 436 30.38 -6.48 -16.70
CA LYS B 436 31.69 -6.67 -17.30
C LYS B 436 31.54 -7.02 -18.77
N ASP B 437 32.50 -6.58 -19.59
CA ASP B 437 32.42 -6.78 -21.03
C ASP B 437 32.36 -8.26 -21.39
N GLU B 438 33.29 -9.06 -20.86
CA GLU B 438 33.35 -10.48 -21.14
C GLU B 438 32.56 -11.31 -20.13
N GLY B 439 31.74 -10.67 -19.30
CA GLY B 439 31.05 -11.35 -18.22
C GLY B 439 31.91 -11.68 -17.03
N TYR B 440 33.19 -11.36 -17.07
CA TYR B 440 34.09 -11.65 -15.96
C TYR B 440 35.30 -10.74 -16.06
N GLU B 441 35.95 -10.53 -14.93
CA GLU B 441 37.26 -9.89 -14.88
C GLU B 441 37.98 -10.36 -13.63
N VAL B 442 39.26 -10.68 -13.78
CA VAL B 442 40.12 -11.08 -12.67
C VAL B 442 40.86 -9.86 -12.17
N GLU B 443 40.74 -9.58 -10.88
CA GLU B 443 41.40 -8.43 -10.28
C GLU B 443 42.09 -8.85 -8.99
N HIS B 444 42.85 -7.90 -8.44
CA HIS B 444 43.51 -8.05 -7.15
C HIS B 444 44.48 -9.24 -7.14
N ASP B 445 45.25 -9.36 -8.23
CA ASP B 445 46.28 -10.38 -8.36
C ASP B 445 45.68 -11.79 -8.25
N GLY B 446 44.62 -12.02 -9.01
CA GLY B 446 43.99 -13.32 -9.02
C GLY B 446 43.27 -13.71 -7.75
N LYS B 447 43.00 -12.75 -6.86
CA LYS B 447 42.31 -13.04 -5.61
C LYS B 447 40.84 -12.63 -5.64
N LEU B 448 40.43 -11.81 -6.60
CA LEU B 448 39.03 -11.45 -6.76
C LEU B 448 38.62 -11.67 -8.21
N ILE B 449 37.44 -12.23 -8.41
CA ILE B 449 36.88 -12.47 -9.74
C ILE B 449 35.45 -11.94 -9.74
N THR B 450 35.15 -11.04 -10.66
CA THR B 450 33.78 -10.61 -10.89
C THR B 450 33.14 -11.52 -11.93
N VAL B 451 31.94 -12.00 -11.64
CA VAL B 451 31.18 -12.84 -12.56
C VAL B 451 29.82 -12.18 -12.78
N PHE B 452 29.39 -12.12 -14.03
CA PHE B 452 28.20 -11.37 -14.40
C PHE B 452 27.52 -12.12 -15.53
N SER B 453 26.30 -12.61 -15.28
CA SER B 453 25.68 -13.59 -16.15
C SER B 453 24.50 -13.03 -16.94
N ALA B 454 24.43 -11.70 -17.11
CA ALA B 454 23.37 -11.07 -17.88
C ALA B 454 23.96 -10.56 -19.20
N PRO B 455 24.00 -11.38 -20.23
CA PRO B 455 24.60 -10.92 -21.50
C PRO B 455 23.71 -9.91 -22.20
N ASN B 456 24.36 -8.98 -22.89
CA ASN B 456 23.70 -7.85 -23.52
C ASN B 456 22.80 -7.13 -22.51
N TYR B 457 23.45 -6.68 -21.44
CA TYR B 457 22.75 -6.06 -20.30
C TYR B 457 21.83 -4.94 -20.77
N CYS B 458 20.60 -4.96 -20.27
CA CYS B 458 19.57 -3.98 -20.60
C CYS B 458 19.29 -3.91 -22.09
N ASP B 459 19.58 -4.99 -22.81
CA ASP B 459 19.35 -5.09 -24.25
C ASP B 459 20.09 -4.00 -25.03
N GLN B 460 21.22 -3.53 -24.48
CA GLN B 460 21.91 -2.40 -25.07
C GLN B 460 23.41 -2.40 -24.77
N MET B 461 23.83 -3.17 -23.77
CA MET B 461 25.23 -3.14 -23.35
C MET B 461 26.14 -3.93 -24.28
N GLY B 462 25.65 -5.03 -24.85
CA GLY B 462 26.42 -5.82 -25.79
C GLY B 462 27.48 -6.70 -25.19
N ASN B 463 27.44 -6.93 -23.89
CA ASN B 463 28.45 -7.73 -23.21
C ASN B 463 28.10 -9.20 -23.26
N LYS B 464 29.13 -10.03 -23.14
CA LYS B 464 28.92 -11.46 -22.92
C LYS B 464 28.70 -11.73 -21.44
N GLY B 465 27.97 -12.81 -21.16
CA GLY B 465 27.81 -13.29 -19.80
C GLY B 465 28.81 -14.41 -19.49
N ALA B 466 28.89 -14.74 -18.21
CA ALA B 466 29.83 -15.77 -17.79
C ALA B 466 29.31 -16.47 -16.54
N PHE B 467 29.81 -17.70 -16.35
CA PHE B 467 29.61 -18.45 -15.11
C PHE B 467 30.89 -19.24 -14.82
N ILE B 468 31.08 -19.57 -13.55
CA ILE B 468 32.31 -20.20 -13.08
C ILE B 468 31.96 -21.58 -12.50
N ARG B 469 32.57 -22.62 -13.06
CA ARG B 469 32.46 -23.97 -12.52
C ARG B 469 33.60 -24.25 -11.54
N PHE B 470 33.26 -24.80 -10.39
CA PHE B 470 34.24 -25.20 -9.38
C PHE B 470 34.09 -26.70 -9.12
N GLU B 471 35.15 -27.44 -9.36
CA GLU B 471 35.19 -28.89 -9.15
C GLU B 471 36.16 -29.23 -8.02
N ALA B 472 35.74 -30.16 -7.15
CA ALA B 472 36.50 -30.57 -5.97
C ALA B 472 37.45 -31.71 -6.32
N PRO B 473 38.64 -31.78 -5.70
CA PRO B 473 39.02 -31.00 -4.52
C PRO B 473 39.82 -29.70 -4.76
N ASP B 474 40.55 -29.59 -5.88
CA ASP B 474 41.47 -28.48 -6.07
C ASP B 474 40.78 -27.15 -6.42
N MET B 475 39.50 -27.18 -6.79
CA MET B 475 38.68 -25.96 -6.89
C MET B 475 39.26 -24.91 -7.82
N LYS B 476 39.86 -25.33 -8.91
CA LYS B 476 40.31 -24.38 -9.92
C LYS B 476 39.09 -23.75 -10.59
N PRO B 477 39.03 -22.42 -10.72
CA PRO B 477 37.87 -21.75 -11.33
C PRO B 477 37.91 -21.87 -12.84
N ASN B 478 36.96 -22.62 -13.41
CA ASN B 478 36.82 -22.79 -14.85
C ASN B 478 35.75 -21.82 -15.34
N ILE B 479 36.18 -20.71 -15.94
CA ILE B 479 35.27 -19.67 -16.41
C ILE B 479 34.77 -20.00 -17.81
N VAL B 480 33.49 -19.80 -18.05
CA VAL B 480 32.87 -20.04 -19.36
C VAL B 480 32.03 -18.83 -19.71
N THR B 481 32.20 -18.31 -20.92
CA THR B 481 31.48 -17.14 -21.38
C THR B 481 30.44 -17.52 -22.43
N PHE B 482 29.39 -16.72 -22.52
CA PHE B 482 28.30 -17.00 -23.46
C PHE B 482 27.69 -15.68 -23.92
N SER B 483 26.96 -15.75 -25.03
CA SER B 483 26.31 -14.58 -25.61
C SER B 483 24.81 -14.65 -25.40
N ALA B 484 24.15 -13.52 -25.64
CA ALA B 484 22.73 -13.41 -25.39
C ALA B 484 21.93 -14.16 -26.46
N VAL B 485 20.71 -14.53 -26.10
CA VAL B 485 19.79 -15.21 -26.99
C VAL B 485 18.58 -14.31 -27.24
N PRO B 486 17.78 -14.55 -28.27
CA PRO B 486 16.60 -13.71 -28.48
C PRO B 486 15.56 -13.92 -27.38
N HIS B 487 14.68 -12.94 -27.25
CA HIS B 487 13.59 -12.97 -26.29
C HIS B 487 12.41 -12.24 -26.91
N PRO B 488 11.20 -12.44 -26.38
CA PRO B 488 10.03 -11.72 -26.88
C PRO B 488 10.22 -10.21 -26.79
N ASP B 489 9.44 -9.50 -27.60
CA ASP B 489 9.53 -8.03 -27.70
C ASP B 489 8.89 -7.39 -26.45
N VAL B 490 9.60 -7.53 -25.33
CA VAL B 490 9.27 -6.86 -24.09
C VAL B 490 10.50 -6.05 -23.69
N LYS B 491 10.39 -4.73 -23.74
CA LYS B 491 11.54 -3.87 -23.54
C LYS B 491 11.94 -3.87 -22.07
N PRO B 492 13.23 -3.66 -21.78
CA PRO B 492 13.66 -3.53 -20.39
C PRO B 492 12.94 -2.40 -19.69
N MET B 493 12.84 -2.51 -18.36
CA MET B 493 12.19 -1.52 -17.51
C MET B 493 10.71 -1.36 -17.83
N ALA B 494 10.11 -2.33 -18.53
CA ALA B 494 8.73 -2.18 -18.96
C ALA B 494 7.79 -1.98 -17.78
N TYR B 495 8.00 -2.74 -16.70
CA TYR B 495 7.19 -2.62 -15.49
C TYR B 495 7.83 -1.73 -14.45
N ALA B 496 8.86 -0.96 -14.80
CA ALA B 496 9.59 -0.16 -13.85
C ALA B 496 8.86 1.16 -13.59
N ASN B 497 9.44 1.97 -12.69
CA ASN B 497 8.86 3.26 -12.34
C ASN B 497 8.83 4.16 -13.57
N ASN B 498 7.69 4.83 -13.78
CA ASN B 498 7.45 5.53 -15.04
C ASN B 498 8.52 6.59 -15.33
N PHE B 499 8.87 7.40 -14.32
CA PHE B 499 9.82 8.48 -14.54
C PHE B 499 11.22 7.95 -14.83
N LEU B 500 11.62 6.88 -14.14
CA LEU B 500 12.91 6.24 -14.42
C LEU B 500 12.97 5.68 -15.84
N ARG B 501 11.82 5.37 -16.45
CA ARG B 501 11.81 4.76 -17.76
C ARG B 501 12.25 5.74 -18.84
N MET B 502 11.81 7.00 -18.74
CA MET B 502 12.02 7.97 -19.81
C MET B 502 13.39 8.65 -19.73
N PHE B 503 14.38 7.96 -19.15
CA PHE B 503 15.76 8.41 -19.23
C PHE B 503 16.63 7.31 -19.84
MN MN C . -21.97 5.57 11.23
MN MN D . -19.53 3.80 10.67
CL CL E . -21.95 3.46 9.73
MN MN F . 23.42 -5.78 -10.70
MN MN G . 24.27 -5.74 -7.76
CL CL H . 23.36 -3.51 -8.91
#